data_7V5C
#
_entry.id   7V5C
#
_cell.length_a   1.00
_cell.length_b   1.00
_cell.length_c   1.00
_cell.angle_alpha   90.00
_cell.angle_beta   90.00
_cell.angle_gamma   90.00
#
_symmetry.space_group_name_H-M   'P 1'
#
loop_
_entity.id
_entity.type
_entity.pdbx_description
1 polymer 'ABC-type oligopeptide transporter ABCB9'
2 non-polymer "ADENOSINE-5'-DIPHOSPHATE"
3 non-polymer 'BERYLLIUM TRIFLUORIDE ION'
4 non-polymer 'MAGNESIUM ION'
#
_entity_poly.entity_id   1
_entity_poly.type   'polypeptide(L)'
_entity_poly.pdbx_seq_one_letter_code
;MRLWKAVVVTLAFVSTDVGVTTAIYAFSHLDRSLLEDIRHFNIFDSVLDLWAACLYRSCLLLGATIGVAKNSALGPRRLR
ASWLVITLVCLFVGIYAMAKLLLFSEVRRPIRDPWFWALFVWTYISLAASFLLWGLLATVRPDAEALEPGNEGFHGEGGA
PAEQASGATLQKLLSYTKPDVAFLVAASFFLIVAALGETFLPYYTGRAIDSIVIQKSMDQFTTAVVVVCLLAIGSSLAAG
IRGGIFTLVFARLNIRLRNCLFRSLVSQETSFFDENRTGDLISRLTSDTTMVSDLVSQNINIFLRNTVKVTGVVVFMFSL
SWQLSLVTFMGFPIIMMVSNIYGKYYKRLSKEVQSALARASTTAEETISAMKTVRSFANEEEEAEVFLRKLQQVYKLNRK
EAAAYMSYVWGSGLTLLVVQVSILYYGGHLVISGQMSSGNLIAFIIYEFVLGDCMESVGSVYSGLMQGVGAAEKVFEFID
RQPTMVHDGSLAPDHLEGRVDFENVTFTYRTRPHTQVLQNVSFSLSPGKVTALVGPSGSGKSSCVNILENFYPLQGGRVL
LDGKPIGAYDHKYLHRVISLVSQEPVLFARSITDNISYGLPTVPFEMVVEAAQKANAHGFIMELQDGYSTETGEKGAQLS
GGQKQRVAMARALVRNPPVLILDEATSALDAESEYLIQQAIHGNLQRHTVLIIAHRLSTVERAHLIVVLDKGRVVQQGTH
QQLLAQGGLYAKLVQRQMLGLEHPLDYTASHKEPPSNTEHKA
;
_entity_poly.pdbx_strand_id   A,B
#
loop_
_chem_comp.id
_chem_comp.type
_chem_comp.name
_chem_comp.formula
ADP non-polymer ADENOSINE-5'-DIPHOSPHATE 'C10 H15 N5 O10 P2'
BEF non-polymer 'BERYLLIUM TRIFLUORIDE ION' 'Be F3 -1'
MG non-polymer 'MAGNESIUM ION' 'Mg 2'
#
# COMPACT_ATOMS: atom_id res chain seq x y z
N ALA A 168 -10.57 -16.37 -13.59
CA ALA A 168 -9.37 -16.15 -14.39
C ALA A 168 -8.63 -17.46 -14.62
N THR A 169 -8.62 -17.92 -15.87
CA THR A 169 -7.93 -19.15 -16.23
C THR A 169 -6.44 -18.87 -16.37
N LEU A 170 -5.69 -19.86 -16.86
CA LEU A 170 -4.26 -19.70 -17.07
C LEU A 170 -3.96 -19.03 -18.41
N GLN A 171 -4.75 -19.35 -19.44
CA GLN A 171 -4.56 -18.69 -20.73
C GLN A 171 -4.67 -17.18 -20.60
N LYS A 172 -5.63 -16.70 -19.81
CA LYS A 172 -5.75 -15.26 -19.59
C LYS A 172 -4.51 -14.69 -18.95
N LEU A 173 -4.06 -15.28 -17.85
CA LEU A 173 -2.86 -14.79 -17.18
C LEU A 173 -1.69 -14.73 -18.14
N LEU A 174 -1.52 -15.76 -18.98
CA LEU A 174 -0.42 -15.74 -19.94
C LEU A 174 -0.63 -14.73 -21.06
N SER A 175 -1.88 -14.36 -21.35
CA SER A 175 -2.12 -13.41 -22.43
C SER A 175 -1.43 -12.08 -22.17
N TYR A 176 -1.36 -11.64 -20.91
CA TYR A 176 -0.76 -10.34 -20.62
C TYR A 176 0.74 -10.30 -20.88
N THR A 177 1.35 -11.40 -21.29
CA THR A 177 2.75 -11.42 -21.67
C THR A 177 2.92 -11.72 -23.16
N LYS A 178 1.99 -11.24 -23.98
CA LYS A 178 2.06 -11.41 -25.41
C LYS A 178 3.06 -10.42 -26.03
N PRO A 179 3.08 -9.17 -25.59
CA PRO A 179 4.01 -8.19 -26.17
C PRO A 179 5.46 -8.44 -25.79
N ASP A 180 5.72 -9.58 -25.15
CA ASP A 180 7.08 -9.97 -24.78
C ASP A 180 7.55 -11.22 -25.53
N VAL A 181 6.91 -11.53 -26.66
CA VAL A 181 7.32 -12.71 -27.41
C VAL A 181 8.72 -12.54 -27.98
N ALA A 182 9.05 -11.33 -28.42
CA ALA A 182 10.41 -11.08 -28.90
C ALA A 182 11.43 -11.39 -27.82
N PHE A 183 11.25 -10.79 -26.63
CA PHE A 183 12.17 -11.03 -25.54
C PHE A 183 12.24 -12.51 -25.19
N LEU A 184 11.09 -13.19 -25.19
CA LEU A 184 11.10 -14.60 -24.79
C LEU A 184 11.81 -15.47 -25.82
N VAL A 185 11.65 -15.18 -27.10
CA VAL A 185 12.35 -15.96 -28.13
C VAL A 185 13.85 -15.71 -28.04
N ALA A 186 14.25 -14.45 -27.81
CA ALA A 186 15.67 -14.17 -27.65
C ALA A 186 16.24 -14.94 -26.45
N ALA A 187 15.52 -14.92 -25.33
CA ALA A 187 15.99 -15.64 -24.15
C ALA A 187 16.09 -17.13 -24.42
N SER A 188 15.09 -17.69 -25.11
CA SER A 188 15.11 -19.12 -25.41
C SER A 188 16.29 -19.47 -26.31
N PHE A 189 16.58 -18.63 -27.31
CA PHE A 189 17.71 -18.90 -28.19
C PHE A 189 19.02 -18.88 -27.43
N PHE A 190 19.23 -17.85 -26.61
CA PHE A 190 20.46 -17.81 -25.83
C PHE A 190 20.53 -18.96 -24.84
N LEU A 191 19.39 -19.44 -24.35
CA LEU A 191 19.38 -20.61 -23.48
C LEU A 191 19.82 -21.85 -24.24
N ILE A 192 19.31 -22.03 -25.45
CA ILE A 192 19.75 -23.13 -26.30
C ILE A 192 21.26 -23.08 -26.47
N VAL A 193 21.80 -21.90 -26.75
CA VAL A 193 23.24 -21.78 -26.97
C VAL A 193 24.01 -22.16 -25.71
N ALA A 194 23.57 -21.64 -24.55
CA ALA A 194 24.25 -21.97 -23.30
C ALA A 194 24.22 -23.46 -23.04
N ALA A 195 23.09 -24.12 -23.31
CA ALA A 195 23.00 -25.55 -23.08
C ALA A 195 23.93 -26.32 -24.01
N LEU A 196 23.96 -25.95 -25.29
CA LEU A 196 24.89 -26.58 -26.22
C LEU A 196 26.32 -26.48 -25.72
N GLY A 197 26.74 -25.28 -25.32
CA GLY A 197 28.09 -25.11 -24.83
C GLY A 197 28.37 -25.97 -23.60
N GLU A 198 27.48 -25.90 -22.61
CA GLU A 198 27.69 -26.64 -21.38
C GLU A 198 27.74 -28.15 -21.62
N THR A 199 26.99 -28.65 -22.61
CA THR A 199 26.99 -30.07 -22.87
C THR A 199 28.18 -30.54 -23.70
N PHE A 200 28.67 -29.70 -24.62
CA PHE A 200 29.78 -30.11 -25.47
C PHE A 200 31.15 -29.79 -24.86
N LEU A 201 31.21 -28.99 -23.79
CA LEU A 201 32.51 -28.67 -23.21
C LEU A 201 33.34 -29.90 -22.87
N PRO A 202 32.84 -30.89 -22.13
CA PRO A 202 33.72 -31.99 -21.69
C PRO A 202 34.32 -32.79 -22.83
N TYR A 203 33.56 -33.04 -23.89
CA TYR A 203 34.09 -33.83 -25.01
C TYR A 203 35.29 -33.15 -25.64
N TYR A 204 35.16 -31.86 -25.96
CA TYR A 204 36.30 -31.14 -26.52
C TYR A 204 37.42 -30.98 -25.50
N THR A 205 37.09 -30.91 -24.21
CA THR A 205 38.15 -30.86 -23.20
C THR A 205 38.99 -32.12 -23.25
N GLY A 206 38.34 -33.29 -23.28
CA GLY A 206 39.07 -34.54 -23.40
C GLY A 206 39.87 -34.62 -24.68
N ARG A 207 39.25 -34.19 -25.80
CA ARG A 207 39.98 -34.19 -27.07
C ARG A 207 41.25 -33.35 -26.97
N ALA A 208 41.15 -32.15 -26.39
CA ALA A 208 42.31 -31.28 -26.29
C ALA A 208 43.36 -31.88 -25.35
N ILE A 209 42.94 -32.48 -24.24
CA ILE A 209 43.90 -33.08 -23.33
C ILE A 209 44.65 -34.21 -24.02
N ASP A 210 43.95 -35.04 -24.79
CA ASP A 210 44.62 -36.11 -25.52
C ASP A 210 45.58 -35.54 -26.55
N SER A 211 45.13 -34.55 -27.33
CA SER A 211 45.98 -33.99 -28.38
C SER A 211 47.22 -33.32 -27.78
N ILE A 212 47.11 -32.78 -26.56
CA ILE A 212 48.25 -32.13 -25.93
C ILE A 212 49.15 -33.11 -25.19
N VAL A 213 48.62 -34.27 -24.80
CA VAL A 213 49.45 -35.27 -24.14
C VAL A 213 50.20 -36.15 -25.14
N ILE A 214 49.63 -36.36 -26.32
CA ILE A 214 50.29 -37.19 -27.33
C ILE A 214 51.70 -36.67 -27.59
N GLN A 215 51.84 -35.37 -27.82
CA GLN A 215 53.12 -34.72 -28.08
C GLN A 215 53.34 -33.60 -27.08
N LYS A 216 54.40 -32.82 -27.31
CA LYS A 216 54.70 -31.68 -26.46
C LYS A 216 53.54 -30.69 -26.50
N SER A 217 53.13 -30.24 -25.30
CA SER A 217 51.96 -29.39 -25.20
C SER A 217 52.33 -27.91 -25.30
N MET A 218 53.62 -27.59 -25.16
CA MET A 218 54.06 -26.20 -25.13
C MET A 218 53.44 -25.37 -26.26
N ASP A 219 53.51 -25.87 -27.49
CA ASP A 219 52.97 -25.16 -28.64
C ASP A 219 51.75 -25.83 -29.25
N GLN A 220 51.57 -27.13 -29.06
CA GLN A 220 50.43 -27.84 -29.64
C GLN A 220 49.18 -27.77 -28.77
N PHE A 221 49.29 -27.25 -27.54
CA PHE A 221 48.13 -27.19 -26.67
C PHE A 221 47.11 -26.16 -27.15
N THR A 222 47.58 -25.00 -27.61
CA THR A 222 46.68 -23.90 -27.95
C THR A 222 45.71 -24.32 -29.04
N THR A 223 46.20 -25.00 -30.09
CA THR A 223 45.35 -25.37 -31.21
C THR A 223 44.13 -26.17 -30.78
N ALA A 224 44.11 -26.71 -29.57
CA ALA A 224 42.94 -27.40 -29.05
C ALA A 224 42.27 -26.66 -27.91
N VAL A 225 43.03 -25.96 -27.05
CA VAL A 225 42.44 -25.19 -25.96
C VAL A 225 41.66 -23.99 -26.45
N VAL A 226 41.90 -23.56 -27.69
CA VAL A 226 41.13 -22.43 -28.23
C VAL A 226 39.65 -22.77 -28.26
N VAL A 227 39.31 -24.01 -28.61
CA VAL A 227 37.90 -24.39 -28.65
C VAL A 227 37.29 -24.38 -27.27
N VAL A 228 38.02 -24.87 -26.26
CA VAL A 228 37.51 -24.83 -24.90
C VAL A 228 37.27 -23.40 -24.45
N CYS A 229 38.22 -22.51 -24.74
CA CYS A 229 38.05 -21.11 -24.39
C CYS A 229 36.82 -20.52 -25.05
N LEU A 230 36.64 -20.79 -26.35
CA LEU A 230 35.50 -20.23 -27.06
C LEU A 230 34.18 -20.76 -26.50
N LEU A 231 34.12 -22.05 -26.19
CA LEU A 231 32.88 -22.60 -25.63
C LEU A 231 32.58 -21.98 -24.27
N ALA A 232 33.61 -21.81 -23.43
CA ALA A 232 33.37 -21.20 -22.13
C ALA A 232 32.86 -19.77 -22.29
N ILE A 233 33.49 -18.99 -23.17
CA ILE A 233 33.04 -17.61 -23.38
C ILE A 233 31.60 -17.59 -23.88
N GLY A 234 31.27 -18.46 -24.83
CA GLY A 234 29.92 -18.50 -25.34
C GLY A 234 28.90 -18.84 -24.25
N SER A 235 29.21 -19.85 -23.43
CA SER A 235 28.30 -20.21 -22.36
C SER A 235 28.09 -19.05 -21.41
N SER A 236 29.17 -18.37 -21.03
CA SER A 236 29.03 -17.24 -20.10
C SER A 236 28.18 -16.14 -20.69
N LEU A 237 28.47 -15.76 -21.94
CA LEU A 237 27.66 -14.73 -22.60
C LEU A 237 26.19 -15.11 -22.63
N ALA A 238 25.89 -16.36 -23.00
CA ALA A 238 24.51 -16.79 -23.09
C ALA A 238 23.81 -16.70 -21.74
N ALA A 239 24.45 -17.23 -20.69
CA ALA A 239 23.82 -17.20 -19.37
C ALA A 239 23.57 -15.76 -18.92
N GLY A 240 24.56 -14.89 -19.10
CA GLY A 240 24.39 -13.51 -18.69
C GLY A 240 23.23 -12.84 -19.42
N ILE A 241 23.19 -12.98 -20.74
CA ILE A 241 22.14 -12.32 -21.50
C ILE A 241 20.78 -12.89 -21.14
N ARG A 242 20.70 -14.18 -20.85
CA ARG A 242 19.41 -14.77 -20.47
C ARG A 242 18.92 -14.17 -19.14
N GLY A 243 19.80 -14.14 -18.13
CA GLY A 243 19.41 -13.53 -16.88
C GLY A 243 18.95 -12.10 -17.05
N GLY A 244 19.72 -11.32 -17.83
CA GLY A 244 19.34 -9.93 -18.05
C GLY A 244 17.96 -9.81 -18.68
N ILE A 245 17.72 -10.57 -19.75
CA ILE A 245 16.45 -10.41 -20.46
C ILE A 245 15.29 -10.88 -19.61
N PHE A 246 15.49 -11.89 -18.76
CA PHE A 246 14.38 -12.29 -17.90
C PHE A 246 14.08 -11.25 -16.84
N THR A 247 15.11 -10.64 -16.24
CA THR A 247 14.80 -9.57 -15.30
C THR A 247 14.09 -8.41 -16.00
N LEU A 248 14.49 -8.09 -17.23
CA LEU A 248 13.84 -7.02 -17.96
C LEU A 248 12.38 -7.37 -18.26
N VAL A 249 12.10 -8.62 -18.63
CA VAL A 249 10.74 -9.01 -18.92
C VAL A 249 9.87 -8.96 -17.67
N PHE A 250 10.42 -9.38 -16.52
CA PHE A 250 9.67 -9.28 -15.28
C PHE A 250 9.32 -7.82 -14.98
N ALA A 251 10.29 -6.93 -15.11
CA ALA A 251 10.03 -5.52 -14.85
C ALA A 251 8.94 -4.99 -15.79
N ARG A 252 9.05 -5.29 -17.08
CA ARG A 252 8.07 -4.77 -18.03
C ARG A 252 6.67 -5.30 -17.74
N LEU A 253 6.56 -6.60 -17.45
CA LEU A 253 5.24 -7.16 -17.15
C LEU A 253 4.65 -6.50 -15.91
N ASN A 254 5.47 -6.32 -14.87
CA ASN A 254 4.96 -5.67 -13.66
C ASN A 254 4.46 -4.26 -13.96
N ILE A 255 5.25 -3.48 -14.69
CA ILE A 255 4.84 -2.12 -15.01
C ILE A 255 3.53 -2.12 -15.80
N ARG A 256 3.44 -2.97 -16.81
CA ARG A 256 2.24 -2.99 -17.63
C ARG A 256 1.02 -3.36 -16.82
N LEU A 257 1.14 -4.38 -15.97
CA LEU A 257 -0.01 -4.80 -15.18
C LEU A 257 -0.44 -3.70 -14.21
N ARG A 258 0.53 -3.12 -13.50
CA ARG A 258 0.23 -1.99 -12.62
C ARG A 258 -0.53 -0.90 -13.36
N ASN A 259 0.05 -0.40 -14.46
CA ASN A 259 -0.58 0.70 -15.18
C ASN A 259 -1.97 0.32 -15.67
N CYS A 260 -2.14 -0.90 -16.18
CA CYS A 260 -3.43 -1.28 -16.73
C CYS A 260 -4.48 -1.49 -15.65
N LEU A 261 -4.06 -1.67 -14.39
CA LEU A 261 -5.05 -1.72 -13.31
C LEU A 261 -5.58 -0.33 -12.99
N PHE A 262 -4.69 0.59 -12.59
CA PHE A 262 -5.11 1.94 -12.26
C PHE A 262 -6.02 2.53 -13.33
N ARG A 263 -5.52 2.62 -14.56
CA ARG A 263 -6.27 3.28 -15.63
C ARG A 263 -7.67 2.72 -15.79
N SER A 264 -7.95 1.54 -15.24
CA SER A 264 -9.29 0.99 -15.23
C SER A 264 -9.90 0.96 -13.84
N LEU A 265 -9.19 1.47 -12.84
CA LEU A 265 -9.71 1.59 -11.49
C LEU A 265 -10.09 3.02 -11.15
N VAL A 266 -9.83 3.96 -12.05
CA VAL A 266 -10.16 5.37 -11.86
C VAL A 266 -11.17 5.86 -12.86
N SER A 267 -11.95 4.96 -13.47
CA SER A 267 -13.01 5.34 -14.39
C SER A 267 -14.31 4.63 -14.04
N GLN A 268 -14.44 4.18 -12.79
CA GLN A 268 -15.64 3.53 -12.33
C GLN A 268 -16.58 4.54 -11.69
N GLU A 269 -17.87 4.22 -11.72
CA GLU A 269 -18.86 5.09 -11.12
C GLU A 269 -18.51 5.36 -9.66
N THR A 270 -18.98 6.52 -9.16
CA THR A 270 -18.59 6.92 -7.81
C THR A 270 -19.08 5.94 -6.76
N SER A 271 -20.27 5.39 -6.95
CA SER A 271 -20.79 4.42 -5.99
C SER A 271 -19.78 3.32 -5.72
N PHE A 272 -19.00 2.94 -6.73
CA PHE A 272 -17.99 1.90 -6.55
C PHE A 272 -17.06 2.23 -5.39
N PHE A 273 -16.52 3.45 -5.36
CA PHE A 273 -15.58 3.82 -4.32
C PHE A 273 -16.23 3.94 -2.95
N ASP A 274 -17.55 3.82 -2.86
CA ASP A 274 -18.21 3.80 -1.57
C ASP A 274 -18.39 2.39 -1.02
N GLU A 275 -18.01 1.37 -1.79
CA GLU A 275 -18.13 -0.01 -1.33
C GLU A 275 -16.79 -0.70 -1.16
N ASN A 276 -15.69 -0.09 -1.58
CA ASN A 276 -14.36 -0.66 -1.43
C ASN A 276 -13.44 0.36 -0.79
N ARG A 277 -12.92 0.02 0.39
CA ARG A 277 -12.14 0.97 1.18
C ARG A 277 -10.77 1.18 0.56
N THR A 278 -10.30 2.43 0.58
CA THR A 278 -9.12 2.82 -0.17
C THR A 278 -7.85 2.13 0.30
N GLY A 279 -7.90 1.31 1.35
CA GLY A 279 -6.74 0.53 1.71
C GLY A 279 -6.72 -0.76 0.93
N ASP A 280 -7.91 -1.36 0.77
CA ASP A 280 -8.03 -2.58 -0.01
C ASP A 280 -7.51 -2.37 -1.43
N LEU A 281 -7.95 -1.30 -2.09
CA LEU A 281 -7.55 -1.09 -3.48
C LEU A 281 -6.04 -0.96 -3.62
N ILE A 282 -5.40 -0.22 -2.72
CA ILE A 282 -3.97 0.01 -2.85
C ILE A 282 -3.19 -1.24 -2.52
N SER A 283 -3.55 -1.93 -1.44
CA SER A 283 -2.91 -3.21 -1.16
C SER A 283 -3.04 -4.13 -2.36
N ARG A 284 -4.24 -4.23 -2.93
CA ARG A 284 -4.43 -5.06 -4.11
C ARG A 284 -3.46 -4.68 -5.20
N LEU A 285 -3.57 -3.45 -5.70
CA LEU A 285 -2.70 -2.99 -6.77
C LEU A 285 -1.26 -3.41 -6.48
N THR A 286 -0.68 -2.85 -5.43
CA THR A 286 0.75 -3.04 -5.18
C THR A 286 1.15 -4.50 -4.99
N SER A 287 0.63 -5.12 -3.92
CA SER A 287 1.09 -6.45 -3.56
C SER A 287 0.74 -7.47 -4.64
N ASP A 288 -0.51 -7.46 -5.10
CA ASP A 288 -0.90 -8.46 -6.07
C ASP A 288 -0.13 -8.34 -7.37
N THR A 289 0.10 -7.12 -7.86
CA THR A 289 0.85 -7.00 -9.10
C THR A 289 2.28 -7.49 -8.91
N THR A 290 2.92 -7.10 -7.80
CA THR A 290 4.27 -7.60 -7.53
C THR A 290 4.31 -9.12 -7.53
N MET A 291 3.43 -9.74 -6.75
CA MET A 291 3.44 -11.19 -6.61
C MET A 291 3.21 -11.87 -7.94
N VAL A 292 2.21 -11.43 -8.69
CA VAL A 292 1.87 -12.09 -9.95
C VAL A 292 3.06 -12.03 -10.91
N SER A 293 3.63 -10.83 -11.08
CA SER A 293 4.74 -10.70 -12.00
C SER A 293 5.91 -11.58 -11.57
N ASP A 294 6.26 -11.56 -10.28
CA ASP A 294 7.36 -12.38 -9.80
C ASP A 294 7.13 -13.86 -10.12
N LEU A 295 5.96 -14.38 -9.75
CA LEU A 295 5.67 -15.79 -9.99
C LEU A 295 5.81 -16.12 -11.46
N VAL A 296 5.18 -15.33 -12.34
CA VAL A 296 5.19 -15.68 -13.75
C VAL A 296 6.61 -15.70 -14.30
N SER A 297 7.43 -14.71 -13.92
CA SER A 297 8.80 -14.67 -14.42
C SER A 297 9.56 -15.92 -13.98
N GLN A 298 9.60 -16.17 -12.66
CA GLN A 298 10.36 -17.31 -12.16
C GLN A 298 9.93 -18.59 -12.85
N ASN A 299 8.62 -18.79 -12.99
CA ASN A 299 8.13 -20.07 -13.49
C ASN A 299 8.45 -20.23 -14.98
N ILE A 300 8.30 -19.19 -15.78
CA ILE A 300 8.66 -19.32 -17.19
C ILE A 300 10.14 -19.65 -17.33
N ASN A 301 10.98 -18.98 -16.56
CA ASN A 301 12.41 -19.26 -16.63
C ASN A 301 12.70 -20.73 -16.32
N ILE A 302 12.18 -21.22 -15.20
CA ILE A 302 12.45 -22.59 -14.79
C ILE A 302 11.94 -23.56 -15.85
N PHE A 303 10.75 -23.31 -16.39
CA PHE A 303 10.19 -24.24 -17.37
C PHE A 303 11.08 -24.33 -18.61
N LEU A 304 11.55 -23.19 -19.11
CA LEU A 304 12.41 -23.24 -20.30
C LEU A 304 13.69 -24.03 -20.00
N ARG A 305 14.36 -23.70 -18.90
CA ARG A 305 15.59 -24.41 -18.56
C ARG A 305 15.35 -25.91 -18.50
N ASN A 306 14.30 -26.32 -17.80
CA ASN A 306 14.06 -27.74 -17.60
C ASN A 306 13.67 -28.44 -18.89
N THR A 307 12.92 -27.78 -19.77
CA THR A 307 12.62 -28.43 -21.05
C THR A 307 13.89 -28.68 -21.85
N VAL A 308 14.82 -27.72 -21.86
CA VAL A 308 16.06 -27.94 -22.59
C VAL A 308 16.82 -29.14 -21.99
N LYS A 309 17.01 -29.13 -20.66
CA LYS A 309 17.77 -30.21 -20.04
C LYS A 309 17.08 -31.56 -20.26
N VAL A 310 15.76 -31.59 -20.22
CA VAL A 310 15.03 -32.85 -20.39
C VAL A 310 15.21 -33.37 -21.80
N THR A 311 15.17 -32.49 -22.80
CA THR A 311 15.43 -32.94 -24.17
C THR A 311 16.81 -33.58 -24.28
N GLY A 312 17.82 -32.89 -23.76
CA GLY A 312 19.17 -33.46 -23.82
C GLY A 312 19.25 -34.82 -23.18
N VAL A 313 18.78 -34.93 -21.92
CA VAL A 313 18.92 -36.18 -21.20
C VAL A 313 18.07 -37.28 -21.82
N VAL A 314 16.91 -36.94 -22.40
CA VAL A 314 16.08 -37.96 -23.02
C VAL A 314 16.75 -38.51 -24.26
N VAL A 315 17.42 -37.66 -25.04
CA VAL A 315 18.19 -38.17 -26.17
C VAL A 315 19.27 -39.12 -25.67
N PHE A 316 20.05 -38.67 -24.68
CA PHE A 316 21.12 -39.53 -24.15
C PHE A 316 20.56 -40.85 -23.61
N MET A 317 19.34 -40.85 -23.10
CA MET A 317 18.78 -42.07 -22.54
C MET A 317 18.28 -43.01 -23.64
N PHE A 318 17.57 -42.49 -24.64
CA PHE A 318 17.20 -43.33 -25.78
C PHE A 318 18.44 -43.93 -26.44
N SER A 319 19.56 -43.21 -26.45
CA SER A 319 20.75 -43.74 -27.09
C SER A 319 21.21 -45.05 -26.46
N LEU A 320 20.87 -45.28 -25.19
CA LEU A 320 21.28 -46.49 -24.49
C LEU A 320 20.24 -47.61 -24.61
N SER A 321 19.01 -47.36 -24.18
CA SER A 321 17.96 -48.36 -24.17
C SER A 321 16.78 -47.87 -24.99
N TRP A 322 16.22 -48.75 -25.81
CA TRP A 322 14.97 -48.44 -26.50
C TRP A 322 13.76 -48.95 -25.72
N GLN A 323 13.94 -49.98 -24.90
CA GLN A 323 12.86 -50.58 -24.14
C GLN A 323 12.63 -49.86 -22.82
N LEU A 324 13.68 -49.72 -22.01
CA LEU A 324 13.53 -49.20 -20.66
C LEU A 324 12.99 -47.78 -20.65
N SER A 325 13.45 -46.93 -21.58
CA SER A 325 12.98 -45.55 -21.60
C SER A 325 11.46 -45.47 -21.63
N LEU A 326 10.81 -46.34 -22.39
CA LEU A 326 9.36 -46.35 -22.47
C LEU A 326 8.69 -46.70 -21.14
N VAL A 327 9.47 -47.00 -20.10
CA VAL A 327 8.90 -47.24 -18.77
C VAL A 327 9.13 -45.99 -17.94
N THR A 328 10.23 -45.29 -18.20
CA THR A 328 10.48 -44.03 -17.50
C THR A 328 9.36 -43.04 -17.73
N PHE A 329 8.83 -42.97 -18.95
CA PHE A 329 7.78 -42.03 -19.27
C PHE A 329 6.41 -42.48 -18.79
N MET A 330 6.29 -43.70 -18.28
CA MET A 330 5.00 -44.15 -17.74
C MET A 330 4.70 -43.48 -16.41
N GLY A 331 5.70 -42.87 -15.77
CA GLY A 331 5.46 -42.15 -14.53
C GLY A 331 5.15 -40.68 -14.71
N PHE A 332 5.64 -40.07 -15.80
CA PHE A 332 5.39 -38.66 -16.03
C PHE A 332 3.91 -38.31 -15.90
N PRO A 333 2.99 -38.96 -16.62
CA PRO A 333 1.56 -38.68 -16.39
C PRO A 333 1.15 -38.82 -14.94
N ILE A 334 1.85 -39.63 -14.15
CA ILE A 334 1.53 -39.74 -12.74
C ILE A 334 1.99 -38.50 -11.99
N ILE A 335 3.27 -38.12 -12.17
CA ILE A 335 3.80 -36.93 -11.53
C ILE A 335 3.14 -35.65 -12.03
N MET A 336 2.26 -35.76 -13.02
CA MET A 336 1.49 -34.61 -13.49
C MET A 336 0.10 -34.58 -12.88
N MET A 337 -0.60 -35.72 -12.86
CA MET A 337 -1.89 -35.77 -12.19
C MET A 337 -1.77 -35.40 -10.72
N VAL A 338 -0.58 -35.56 -10.15
CA VAL A 338 -0.38 -35.11 -8.77
C VAL A 338 -0.02 -33.64 -8.73
N SER A 339 0.83 -33.17 -9.65
CA SER A 339 1.13 -31.75 -9.74
C SER A 339 -0.03 -30.94 -10.29
N ASN A 340 -1.18 -31.56 -10.51
CA ASN A 340 -2.40 -30.87 -10.87
C ASN A 340 -3.40 -30.81 -9.72
N ILE A 341 -3.19 -31.58 -8.66
CA ILE A 341 -4.06 -31.50 -7.50
C ILE A 341 -3.53 -30.50 -6.49
N TYR A 342 -2.23 -30.22 -6.51
CA TYR A 342 -1.66 -29.11 -5.75
C TYR A 342 -1.49 -27.88 -6.62
N GLY A 343 -2.34 -27.73 -7.62
CA GLY A 343 -2.38 -26.52 -8.44
C GLY A 343 -3.81 -26.03 -8.51
N LYS A 344 -4.74 -26.87 -8.09
CA LYS A 344 -6.13 -26.46 -7.91
C LYS A 344 -6.48 -26.22 -6.45
N TYR A 345 -5.69 -26.76 -5.52
CA TYR A 345 -5.83 -26.41 -4.12
C TYR A 345 -4.89 -25.30 -3.72
N TYR A 346 -3.79 -25.14 -4.44
CA TYR A 346 -2.85 -24.08 -4.13
C TYR A 346 -3.28 -22.75 -4.74
N LYS A 347 -4.27 -22.76 -5.64
CA LYS A 347 -4.87 -21.53 -6.13
C LYS A 347 -5.94 -21.03 -5.17
N ARG A 348 -6.89 -21.90 -4.81
CA ARG A 348 -7.91 -21.54 -3.84
C ARG A 348 -7.30 -20.99 -2.55
N LEU A 349 -6.02 -21.29 -2.30
CA LEU A 349 -5.36 -20.81 -1.10
C LEU A 349 -4.67 -19.47 -1.33
N SER A 350 -3.82 -19.38 -2.36
CA SER A 350 -3.10 -18.14 -2.58
C SER A 350 -4.01 -16.98 -2.96
N LYS A 351 -5.32 -17.20 -3.04
CA LYS A 351 -6.25 -16.09 -3.17
C LYS A 351 -6.79 -15.66 -1.81
N GLU A 352 -6.88 -16.59 -0.87
CA GLU A 352 -7.29 -16.26 0.50
C GLU A 352 -6.13 -15.80 1.35
N VAL A 353 -4.96 -15.57 0.76
CA VAL A 353 -3.86 -14.92 1.45
C VAL A 353 -3.70 -13.48 0.99
N GLN A 354 -3.86 -13.23 -0.31
CA GLN A 354 -3.88 -11.86 -0.79
C GLN A 354 -5.16 -11.15 -0.36
N SER A 355 -6.25 -11.89 -0.16
CA SER A 355 -7.51 -11.33 0.28
C SER A 355 -7.64 -11.32 1.80
N ALA A 356 -6.64 -11.81 2.52
CA ALA A 356 -6.57 -11.68 3.97
C ALA A 356 -5.34 -10.93 4.41
N LEU A 357 -4.49 -10.55 3.46
CA LEU A 357 -3.36 -9.66 3.72
C LEU A 357 -3.65 -8.23 3.28
N ALA A 358 -4.67 -8.04 2.44
CA ALA A 358 -5.16 -6.71 2.13
C ALA A 358 -6.28 -6.28 3.06
N ARG A 359 -6.86 -7.21 3.81
CA ARG A 359 -7.77 -6.84 4.88
C ARG A 359 -7.04 -6.40 6.13
N ALA A 360 -5.73 -6.56 6.18
CA ALA A 360 -4.90 -6.05 7.26
C ALA A 360 -4.03 -4.89 6.81
N SER A 361 -4.24 -4.39 5.60
CA SER A 361 -3.64 -3.15 5.14
C SER A 361 -4.68 -2.06 4.95
N THR A 362 -5.90 -2.29 5.43
CA THR A 362 -6.89 -1.24 5.59
C THR A 362 -7.03 -0.79 7.04
N THR A 363 -6.47 -1.56 7.98
CA THR A 363 -6.35 -1.12 9.36
C THR A 363 -5.04 -0.42 9.63
N ALA A 364 -4.09 -0.48 8.69
CA ALA A 364 -2.85 0.26 8.80
C ALA A 364 -2.87 1.55 8.00
N GLU A 365 -3.85 1.72 7.11
CA GLU A 365 -4.02 2.97 6.40
C GLU A 365 -5.12 3.84 7.01
N GLU A 366 -6.13 3.19 7.59
CA GLU A 366 -7.17 3.93 8.28
C GLU A 366 -6.67 4.49 9.61
N THR A 367 -5.60 3.91 10.16
CA THR A 367 -5.07 4.38 11.43
C THR A 367 -3.96 5.40 11.23
N ILE A 368 -3.31 5.40 10.07
CA ILE A 368 -2.24 6.36 9.84
C ILE A 368 -2.79 7.66 9.26
N SER A 369 -3.78 7.56 8.37
CA SER A 369 -4.35 8.77 7.80
C SER A 369 -5.17 9.57 8.80
N ALA A 370 -5.57 8.96 9.91
CA ALA A 370 -6.35 9.64 10.93
C ALA A 370 -5.61 9.59 12.25
N MET A 371 -4.32 9.89 12.24
CA MET A 371 -3.51 9.74 13.45
C MET A 371 -3.75 10.88 14.43
N LYS A 372 -4.33 11.99 13.98
CA LYS A 372 -4.60 13.07 14.91
C LYS A 372 -5.93 12.89 15.63
N THR A 373 -6.79 11.99 15.17
CA THR A 373 -8.03 11.68 15.85
C THR A 373 -8.02 10.32 16.51
N VAL A 374 -7.06 9.46 16.17
CA VAL A 374 -6.85 8.22 16.91
C VAL A 374 -5.91 8.40 18.08
N ARG A 375 -5.37 9.61 18.25
CA ARG A 375 -4.53 9.93 19.39
C ARG A 375 -5.23 10.81 20.42
N SER A 376 -6.13 11.69 19.98
CA SER A 376 -6.93 12.43 20.94
C SER A 376 -7.62 11.51 21.92
N PHE A 377 -7.95 10.29 21.48
CA PHE A 377 -8.24 9.18 22.36
C PHE A 377 -6.98 8.34 22.48
N ALA A 378 -6.75 7.82 23.68
CA ALA A 378 -5.45 7.25 24.00
C ALA A 378 -5.20 5.89 23.37
N ASN A 379 -6.11 5.37 22.56
CA ASN A 379 -5.90 4.02 22.02
C ASN A 379 -5.10 4.04 20.72
N GLU A 380 -3.94 4.70 20.75
CA GLU A 380 -3.03 4.62 19.63
C GLU A 380 -2.15 3.39 19.70
N GLU A 381 -1.90 2.87 20.91
CA GLU A 381 -1.13 1.65 21.08
C GLU A 381 -2.01 0.41 21.21
N GLU A 382 -3.32 0.58 21.29
CA GLU A 382 -4.24 -0.54 21.19
C GLU A 382 -4.75 -0.74 19.76
N GLU A 383 -4.65 0.29 18.92
CA GLU A 383 -4.90 0.13 17.49
C GLU A 383 -3.74 -0.56 16.80
N ALA A 384 -2.66 -0.84 17.52
CA ALA A 384 -1.55 -1.63 17.01
C ALA A 384 -1.64 -3.08 17.42
N GLU A 385 -2.61 -3.44 18.26
CA GLU A 385 -2.91 -4.83 18.56
C GLU A 385 -4.16 -5.30 17.86
N VAL A 386 -4.82 -4.44 17.11
CA VAL A 386 -5.83 -4.87 16.15
C VAL A 386 -5.18 -5.11 14.79
N PHE A 387 -4.01 -4.53 14.56
CA PHE A 387 -3.24 -4.84 13.37
C PHE A 387 -2.56 -6.20 13.49
N LEU A 388 -1.91 -6.45 14.63
CA LEU A 388 -1.30 -7.76 14.87
C LEU A 388 -2.31 -8.87 14.63
N ARG A 389 -3.42 -8.85 15.37
CA ARG A 389 -4.43 -9.89 15.22
C ARG A 389 -4.99 -9.97 13.81
N LYS A 390 -4.66 -9.02 12.94
CA LYS A 390 -4.99 -9.13 11.53
C LYS A 390 -3.90 -9.81 10.73
N LEU A 391 -2.69 -9.91 11.29
CA LEU A 391 -1.60 -10.65 10.67
C LEU A 391 -1.61 -12.11 11.07
N GLN A 392 -1.91 -12.41 12.34
CA GLN A 392 -1.96 -13.79 12.78
C GLN A 392 -3.03 -14.59 12.07
N GLN A 393 -3.81 -13.97 11.18
CA GLN A 393 -4.67 -14.71 10.26
C GLN A 393 -4.08 -14.79 8.87
N VAL A 394 -3.02 -14.02 8.59
CA VAL A 394 -2.22 -14.28 7.41
C VAL A 394 -1.20 -15.38 7.71
N TYR A 395 -0.94 -15.64 8.99
CA TYR A 395 -0.07 -16.74 9.35
C TYR A 395 -0.78 -18.07 9.20
N LYS A 396 -1.95 -18.21 9.83
CA LYS A 396 -2.69 -19.47 9.73
C LYS A 396 -2.88 -19.89 8.28
N LEU A 397 -2.78 -18.95 7.34
CA LEU A 397 -2.81 -19.31 5.93
C LEU A 397 -1.41 -19.66 5.44
N ASN A 398 -0.41 -18.85 5.79
CA ASN A 398 0.95 -19.14 5.39
C ASN A 398 1.46 -20.44 6.00
N ARG A 399 0.69 -21.07 6.89
CA ARG A 399 1.09 -22.35 7.43
C ARG A 399 0.49 -23.50 6.60
N LYS A 400 -0.81 -23.44 6.34
CA LYS A 400 -1.41 -24.42 5.44
C LYS A 400 -0.80 -24.37 4.06
N GLU A 401 -0.05 -23.32 3.74
CA GLU A 401 0.67 -23.24 2.47
C GLU A 401 2.05 -23.87 2.56
N ALA A 402 2.52 -24.16 3.77
CA ALA A 402 3.76 -24.92 3.94
C ALA A 402 3.46 -26.40 4.09
N ALA A 403 2.50 -26.74 4.95
CA ALA A 403 2.15 -28.14 5.15
C ALA A 403 1.65 -28.79 3.86
N ALA A 404 1.42 -28.01 2.81
CA ALA A 404 1.09 -28.60 1.52
C ALA A 404 2.35 -28.83 0.69
N TYR A 405 3.14 -27.78 0.49
CA TYR A 405 4.40 -27.93 -0.24
C TYR A 405 5.26 -29.01 0.39
N MET A 406 5.21 -29.15 1.71
CA MET A 406 5.94 -30.24 2.36
C MET A 406 5.25 -31.58 2.12
N SER A 407 4.00 -31.56 1.69
CA SER A 407 3.28 -32.79 1.39
C SER A 407 3.14 -33.04 -0.10
N TYR A 408 3.76 -32.22 -0.94
CA TYR A 408 3.80 -32.48 -2.37
C TYR A 408 5.14 -33.06 -2.79
N VAL A 409 6.22 -32.63 -2.16
CA VAL A 409 7.53 -33.23 -2.42
C VAL A 409 7.50 -34.71 -2.10
N TRP A 410 6.76 -35.09 -1.06
CA TRP A 410 6.63 -36.51 -0.73
C TRP A 410 5.82 -37.24 -1.80
N GLY A 411 4.64 -36.72 -2.13
CA GLY A 411 3.84 -37.34 -3.16
C GLY A 411 4.58 -37.49 -4.48
N SER A 412 5.57 -36.62 -4.72
CA SER A 412 6.39 -36.74 -5.92
C SER A 412 7.56 -37.68 -5.68
N GLY A 413 8.39 -37.39 -4.67
CA GLY A 413 9.52 -38.25 -4.37
C GLY A 413 9.16 -39.71 -4.32
N LEU A 414 7.99 -40.05 -3.76
CA LEU A 414 7.56 -41.44 -3.74
C LEU A 414 7.32 -41.96 -5.15
N THR A 415 6.51 -41.26 -5.95
CA THR A 415 6.23 -41.71 -7.31
C THR A 415 7.51 -41.90 -8.10
N LEU A 416 8.48 -41.00 -7.93
CA LEU A 416 9.76 -41.17 -8.59
C LEU A 416 10.60 -42.28 -7.98
N LEU A 417 10.12 -42.90 -6.91
CA LEU A 417 10.78 -44.09 -6.39
C LEU A 417 10.26 -45.35 -7.07
N VAL A 418 8.94 -45.54 -7.06
CA VAL A 418 8.34 -46.69 -7.73
C VAL A 418 8.88 -46.81 -9.15
N VAL A 419 9.17 -45.68 -9.80
CA VAL A 419 9.72 -45.74 -11.15
C VAL A 419 11.16 -46.23 -11.11
N GLN A 420 11.87 -45.97 -10.01
CA GLN A 420 13.25 -46.43 -9.91
C GLN A 420 13.32 -47.88 -9.47
N VAL A 421 12.32 -48.36 -8.73
CA VAL A 421 12.28 -49.78 -8.41
C VAL A 421 11.83 -50.59 -9.61
N SER A 422 10.69 -50.22 -10.20
CA SER A 422 10.21 -50.91 -11.39
C SER A 422 11.22 -50.85 -12.54
N ILE A 423 12.18 -49.93 -12.49
CA ILE A 423 13.22 -49.88 -13.50
C ILE A 423 14.40 -50.78 -13.15
N LEU A 424 14.33 -51.50 -12.04
CA LEU A 424 15.35 -52.47 -11.68
C LEU A 424 14.92 -53.89 -12.04
N TYR A 425 13.75 -54.31 -11.56
CA TYR A 425 13.24 -55.62 -11.92
C TYR A 425 13.29 -55.83 -13.43
N TYR A 426 12.58 -54.98 -14.18
CA TYR A 426 12.70 -55.04 -15.63
C TYR A 426 14.10 -54.66 -16.09
N GLY A 427 14.90 -54.03 -15.23
CA GLY A 427 16.25 -53.69 -15.61
C GLY A 427 17.20 -54.86 -15.53
N GLY A 428 17.01 -55.71 -14.52
CA GLY A 428 17.85 -56.90 -14.40
C GLY A 428 17.49 -57.98 -15.40
N HIS A 429 16.18 -58.23 -15.60
CA HIS A 429 15.76 -59.26 -16.54
C HIS A 429 16.45 -59.10 -17.88
N LEU A 430 16.76 -57.86 -18.28
CA LEU A 430 17.44 -57.63 -19.54
C LEU A 430 18.95 -57.71 -19.42
N VAL A 431 19.50 -57.54 -18.21
CA VAL A 431 20.95 -57.56 -18.05
C VAL A 431 21.51 -58.96 -18.10
N ILE A 432 20.71 -59.98 -17.75
CA ILE A 432 21.19 -61.35 -17.80
C ILE A 432 20.91 -62.02 -19.13
N SER A 433 20.04 -61.42 -19.96
CA SER A 433 19.65 -62.01 -21.24
C SER A 433 20.15 -61.21 -22.43
N GLY A 434 19.83 -59.91 -22.49
CA GLY A 434 20.13 -59.15 -23.69
C GLY A 434 20.61 -57.73 -23.49
N GLN A 435 20.97 -57.35 -22.27
CA GLN A 435 21.45 -56.01 -21.99
C GLN A 435 22.74 -56.06 -21.17
N MET A 436 23.77 -55.38 -21.66
CA MET A 436 25.04 -55.31 -20.95
C MET A 436 24.83 -54.73 -19.55
N SER A 437 25.52 -55.34 -18.58
CA SER A 437 25.45 -54.81 -17.22
C SER A 437 26.07 -53.43 -17.12
N SER A 438 27.02 -53.10 -18.01
CA SER A 438 27.61 -51.78 -18.00
C SER A 438 26.58 -50.71 -18.36
N GLY A 439 25.74 -50.99 -19.35
CA GLY A 439 24.72 -50.02 -19.72
C GLY A 439 23.66 -49.83 -18.65
N ASN A 440 23.14 -50.94 -18.11
CA ASN A 440 22.09 -50.84 -17.10
C ASN A 440 22.50 -49.94 -15.95
N LEU A 441 23.80 -49.91 -15.63
CA LEU A 441 24.27 -49.01 -14.58
C LEU A 441 24.23 -47.56 -15.04
N ILE A 442 24.52 -47.31 -16.32
CA ILE A 442 24.57 -45.96 -16.83
C ILE A 442 23.17 -45.39 -17.09
N ALA A 443 22.23 -46.23 -17.50
CA ALA A 443 20.87 -45.76 -17.72
C ALA A 443 20.17 -45.39 -16.41
N PHE A 444 20.88 -45.44 -15.29
CA PHE A 444 20.32 -44.95 -14.03
C PHE A 444 20.81 -43.53 -13.74
N ILE A 445 22.12 -43.32 -13.78
CA ILE A 445 22.66 -41.98 -13.58
C ILE A 445 21.90 -40.97 -14.44
N ILE A 446 21.79 -41.25 -15.74
CA ILE A 446 20.99 -40.39 -16.61
C ILE A 446 19.52 -40.43 -16.19
N TYR A 447 19.10 -41.52 -15.55
CA TYR A 447 17.72 -41.61 -15.10
C TYR A 447 17.48 -40.78 -13.84
N GLU A 448 18.49 -40.63 -12.99
CA GLU A 448 18.33 -39.83 -11.79
C GLU A 448 18.05 -38.38 -12.12
N PHE A 449 18.59 -37.89 -13.25
CA PHE A 449 18.43 -36.50 -13.65
C PHE A 449 17.27 -36.30 -14.63
N VAL A 450 16.28 -37.18 -14.60
CA VAL A 450 14.99 -36.91 -15.21
C VAL A 450 13.90 -36.80 -14.14
N LEU A 451 14.03 -37.59 -13.08
CA LEU A 451 13.19 -37.41 -11.89
C LEU A 451 13.38 -36.00 -11.35
N GLY A 452 14.64 -35.56 -11.24
CA GLY A 452 14.92 -34.19 -10.89
C GLY A 452 14.44 -33.16 -11.88
N ASP A 453 13.84 -33.60 -12.99
CA ASP A 453 13.24 -32.71 -13.98
C ASP A 453 11.75 -32.92 -14.14
N CYS A 454 11.31 -34.17 -14.29
CA CYS A 454 9.87 -34.44 -14.31
C CYS A 454 9.19 -33.94 -13.05
N MET A 455 9.94 -33.73 -11.97
CA MET A 455 9.37 -33.16 -10.75
C MET A 455 9.50 -31.64 -10.71
N GLU A 456 10.41 -31.07 -11.48
CA GLU A 456 10.59 -29.63 -11.57
C GLU A 456 9.95 -29.04 -12.82
N SER A 457 10.31 -29.54 -14.00
CA SER A 457 9.80 -29.01 -15.25
C SER A 457 8.29 -28.81 -15.19
N VAL A 458 7.57 -29.83 -14.74
CA VAL A 458 6.12 -29.74 -14.64
C VAL A 458 5.62 -29.87 -13.21
N GLY A 459 6.51 -30.08 -12.26
CA GLY A 459 6.11 -30.12 -10.87
C GLY A 459 5.75 -28.75 -10.36
N SER A 460 6.73 -27.85 -10.29
CA SER A 460 6.49 -26.51 -9.82
C SER A 460 5.97 -25.60 -10.93
N VAL A 461 6.55 -25.70 -12.12
CA VAL A 461 6.19 -24.78 -13.20
C VAL A 461 4.71 -24.80 -13.47
N TYR A 462 3.99 -25.82 -13.03
CA TYR A 462 2.54 -25.81 -13.16
C TYR A 462 1.82 -25.58 -11.84
N SER A 463 2.53 -25.56 -10.72
CA SER A 463 1.93 -25.09 -9.48
C SER A 463 2.01 -23.58 -9.39
N GLY A 464 3.21 -23.03 -9.55
CA GLY A 464 3.38 -21.59 -9.66
C GLY A 464 2.39 -20.95 -10.61
N LEU A 465 2.40 -21.35 -11.87
CA LEU A 465 1.44 -20.80 -12.82
C LEU A 465 0.01 -20.93 -12.32
N MET A 466 -0.23 -21.79 -11.34
CA MET A 466 -1.55 -21.86 -10.71
C MET A 466 -1.61 -21.11 -9.39
N GLN A 467 -0.49 -20.62 -8.90
CA GLN A 467 -0.49 -19.70 -7.77
C GLN A 467 -0.53 -18.25 -8.22
N GLY A 468 0.08 -17.95 -9.37
CA GLY A 468 -0.10 -16.65 -9.97
C GLY A 468 -1.56 -16.38 -10.29
N VAL A 469 -2.16 -17.27 -11.08
CA VAL A 469 -3.59 -17.15 -11.40
C VAL A 469 -4.43 -17.04 -10.14
N GLY A 470 -3.89 -17.46 -8.99
CA GLY A 470 -4.61 -17.28 -7.75
C GLY A 470 -4.45 -15.89 -7.19
N ALA A 471 -3.20 -15.42 -7.07
CA ALA A 471 -2.97 -14.09 -6.54
C ALA A 471 -3.64 -13.03 -7.39
N ALA A 472 -3.65 -13.22 -8.71
CA ALA A 472 -4.25 -12.27 -9.63
C ALA A 472 -5.70 -12.57 -9.93
N GLU A 473 -6.41 -13.22 -9.00
CA GLU A 473 -7.81 -13.52 -9.23
C GLU A 473 -8.69 -12.29 -9.05
N LYS A 474 -8.26 -11.34 -8.23
CA LYS A 474 -9.01 -10.10 -8.08
C LYS A 474 -8.50 -9.01 -9.01
N VAL A 475 -7.17 -8.87 -9.15
CA VAL A 475 -6.62 -7.87 -10.05
C VAL A 475 -7.17 -8.06 -11.46
N PHE A 476 -7.51 -9.28 -11.83
CA PHE A 476 -8.10 -9.51 -13.14
C PHE A 476 -9.57 -9.29 -13.15
N GLU A 477 -10.13 -8.80 -12.06
CA GLU A 477 -11.54 -8.45 -12.01
C GLU A 477 -11.79 -6.96 -12.01
N PHE A 478 -10.88 -6.17 -11.42
CA PHE A 478 -10.97 -4.72 -11.55
C PHE A 478 -10.55 -4.25 -12.93
N ILE A 479 -9.87 -5.11 -13.70
CA ILE A 479 -9.47 -4.72 -15.05
C ILE A 479 -10.59 -5.01 -16.05
N ASP A 480 -11.49 -5.93 -15.73
CA ASP A 480 -12.58 -6.29 -16.62
C ASP A 480 -13.92 -5.73 -16.19
N ARG A 481 -14.00 -5.12 -15.01
CA ARG A 481 -15.26 -4.59 -14.53
C ARG A 481 -15.75 -3.47 -15.46
N GLN A 482 -17.05 -3.48 -15.75
CA GLN A 482 -17.64 -2.49 -16.62
C GLN A 482 -18.28 -1.39 -15.80
N PRO A 483 -17.84 -0.13 -15.94
CA PRO A 483 -18.46 0.94 -15.15
C PRO A 483 -19.95 1.01 -15.42
N THR A 484 -20.73 0.94 -14.34
CA THR A 484 -22.18 0.90 -14.45
C THR A 484 -22.78 2.27 -14.75
N MET A 485 -21.97 3.26 -15.07
CA MET A 485 -22.45 4.58 -15.48
C MET A 485 -21.42 5.13 -16.48
N VAL A 486 -21.69 4.91 -17.76
CA VAL A 486 -20.80 5.34 -18.84
C VAL A 486 -21.34 6.63 -19.43
N HIS A 487 -20.45 7.59 -19.62
CA HIS A 487 -20.80 8.92 -20.11
C HIS A 487 -20.35 9.05 -21.56
N ASP A 488 -21.31 9.01 -22.49
CA ASP A 488 -21.04 9.11 -23.92
C ASP A 488 -21.89 10.25 -24.47
N GLY A 489 -21.30 11.43 -24.56
CA GLY A 489 -21.98 12.58 -25.12
C GLY A 489 -21.04 13.74 -25.35
N SER A 490 -21.06 14.30 -26.56
CA SER A 490 -20.21 15.44 -26.90
C SER A 490 -21.12 16.54 -27.44
N LEU A 491 -21.40 17.54 -26.60
CA LEU A 491 -22.29 18.63 -26.96
C LEU A 491 -21.70 19.97 -26.54
N ALA A 492 -20.38 20.04 -26.40
CA ALA A 492 -19.73 21.25 -25.91
C ALA A 492 -20.09 22.44 -26.79
N PRO A 493 -20.89 23.37 -26.29
CA PRO A 493 -21.20 24.59 -27.05
C PRO A 493 -20.22 25.70 -26.70
N ASP A 494 -20.34 26.80 -27.45
CA ASP A 494 -19.44 27.93 -27.27
C ASP A 494 -20.08 29.09 -26.53
N HIS A 495 -21.41 29.09 -26.41
CA HIS A 495 -22.13 30.15 -25.70
C HIS A 495 -23.16 29.50 -24.79
N LEU A 496 -22.81 29.33 -23.52
CA LEU A 496 -23.69 28.71 -22.54
C LEU A 496 -24.43 29.80 -21.77
N GLU A 497 -25.74 29.60 -21.60
CA GLU A 497 -26.55 30.59 -20.90
C GLU A 497 -26.43 30.43 -19.39
N GLY A 498 -26.64 29.22 -18.88
CA GLY A 498 -26.47 28.97 -17.46
C GLY A 498 -27.79 28.77 -16.72
N ARG A 499 -28.75 28.13 -17.37
CA ARG A 499 -30.06 27.90 -16.79
C ARG A 499 -30.21 26.43 -16.41
N VAL A 500 -30.29 26.17 -15.11
CA VAL A 500 -30.41 24.81 -14.59
C VAL A 500 -31.85 24.57 -14.20
N ASP A 501 -32.29 23.32 -14.29
CA ASP A 501 -33.65 22.93 -13.96
C ASP A 501 -33.68 21.51 -13.44
N PHE A 502 -34.50 21.28 -12.42
CA PHE A 502 -34.80 19.94 -11.95
C PHE A 502 -36.24 19.63 -12.30
N GLU A 503 -36.45 18.59 -13.11
CA GLU A 503 -37.78 18.24 -13.62
C GLU A 503 -38.23 16.94 -12.96
N ASN A 504 -38.94 17.05 -11.84
CA ASN A 504 -39.54 15.90 -11.16
C ASN A 504 -38.49 14.83 -10.88
N VAL A 505 -37.52 15.20 -10.06
CA VAL A 505 -36.42 14.31 -9.74
C VAL A 505 -36.86 13.28 -8.70
N THR A 506 -36.12 12.18 -8.63
CA THR A 506 -36.34 11.13 -7.65
C THR A 506 -35.06 10.31 -7.56
N PHE A 507 -34.53 10.17 -6.36
CA PHE A 507 -33.16 9.72 -6.20
C PHE A 507 -33.05 8.77 -5.02
N THR A 508 -32.08 7.86 -5.09
CA THR A 508 -31.85 6.87 -4.05
C THR A 508 -30.45 6.29 -4.21
N TYR A 509 -29.68 6.32 -3.13
CA TYR A 509 -28.31 5.84 -3.18
C TYR A 509 -28.28 4.33 -3.33
N ARG A 510 -27.16 3.83 -3.83
CA ARG A 510 -27.02 2.40 -4.08
C ARG A 510 -26.55 1.61 -2.87
N THR A 511 -26.09 2.28 -1.82
CA THR A 511 -25.63 1.61 -0.62
C THR A 511 -26.66 1.63 0.50
N ARG A 512 -27.88 2.07 0.21
CA ARG A 512 -28.96 2.13 1.16
C ARG A 512 -30.27 2.23 0.40
N PRO A 513 -30.64 1.21 -0.37
CA PRO A 513 -31.66 1.39 -1.40
C PRO A 513 -33.10 1.31 -0.89
N HIS A 514 -33.28 1.39 0.42
CA HIS A 514 -34.61 1.33 1.00
C HIS A 514 -35.13 2.69 1.47
N THR A 515 -34.35 3.74 1.32
CA THR A 515 -34.78 5.09 1.69
C THR A 515 -34.60 6.01 0.49
N GLN A 516 -35.66 6.76 0.17
CA GLN A 516 -35.62 7.70 -0.95
C GLN A 516 -35.16 9.06 -0.43
N VAL A 517 -34.07 9.57 -1.00
CA VAL A 517 -33.51 10.84 -0.54
C VAL A 517 -34.32 12.01 -1.07
N LEU A 518 -34.38 12.16 -2.39
CA LEU A 518 -35.21 13.17 -3.03
C LEU A 518 -36.50 12.53 -3.51
N GLN A 519 -37.53 13.37 -3.67
CA GLN A 519 -38.83 12.87 -4.09
C GLN A 519 -39.55 13.99 -4.84
N ASN A 520 -39.68 13.84 -6.15
CA ASN A 520 -40.44 14.78 -6.97
C ASN A 520 -39.95 16.21 -6.80
N VAL A 521 -38.69 16.39 -6.45
CA VAL A 521 -38.12 17.74 -6.37
C VAL A 521 -38.19 18.39 -7.75
N SER A 522 -38.50 19.68 -7.77
CA SER A 522 -38.66 20.41 -9.02
C SER A 522 -38.45 21.89 -8.75
N PHE A 523 -37.38 22.45 -9.34
CA PHE A 523 -37.12 23.87 -9.25
C PHE A 523 -36.10 24.21 -10.34
N SER A 524 -35.71 25.49 -10.40
CA SER A 524 -34.81 25.94 -11.44
C SER A 524 -34.04 27.15 -10.97
N LEU A 525 -32.90 27.38 -11.61
CA LEU A 525 -32.03 28.51 -11.31
C LEU A 525 -32.08 29.49 -12.46
N SER A 526 -32.31 30.76 -12.15
CA SER A 526 -32.39 31.66 -13.30
C SER A 526 -31.01 32.21 -13.63
N PRO A 527 -30.71 32.40 -14.92
CA PRO A 527 -29.36 32.82 -15.32
C PRO A 527 -29.05 34.20 -14.79
N GLY A 528 -28.09 34.27 -13.87
CA GLY A 528 -27.65 35.54 -13.32
C GLY A 528 -28.22 35.90 -11.97
N LYS A 529 -28.74 34.94 -11.21
CA LYS A 529 -29.34 35.20 -9.92
C LYS A 529 -28.77 34.25 -8.88
N VAL A 530 -28.68 34.74 -7.65
CA VAL A 530 -28.09 33.95 -6.55
C VAL A 530 -29.25 33.17 -5.91
N THR A 531 -29.56 32.03 -6.50
CA THR A 531 -30.61 31.17 -5.97
C THR A 531 -30.09 30.37 -4.79
N ALA A 532 -30.60 30.67 -3.60
CA ALA A 532 -30.16 29.97 -2.40
C ALA A 532 -30.89 28.62 -2.29
N LEU A 533 -30.56 27.89 -1.23
CA LEU A 533 -31.19 26.59 -0.97
C LEU A 533 -30.93 26.22 0.48
N VAL A 534 -31.98 25.99 1.25
CA VAL A 534 -31.87 25.76 2.68
C VAL A 534 -32.73 24.56 3.07
N GLY A 535 -32.52 24.10 4.31
CA GLY A 535 -33.23 22.95 4.83
C GLY A 535 -32.80 22.61 6.24
N PRO A 536 -33.48 21.63 6.86
CA PRO A 536 -33.22 21.28 8.26
C PRO A 536 -32.14 20.22 8.47
N SER A 537 -30.97 20.44 7.88
CA SER A 537 -29.73 19.73 8.21
C SER A 537 -29.75 18.24 7.90
N GLY A 538 -30.89 17.67 7.53
CA GLY A 538 -30.93 16.25 7.23
C GLY A 538 -31.63 15.95 5.92
N SER A 539 -32.30 16.96 5.37
CA SER A 539 -32.95 16.82 4.09
C SER A 539 -31.91 16.62 2.99
N GLY A 540 -32.37 16.43 1.76
CA GLY A 540 -31.45 16.27 0.68
C GLY A 540 -31.05 17.61 0.07
N LYS A 541 -29.91 18.14 0.48
CA LYS A 541 -29.37 19.38 -0.07
C LYS A 541 -28.11 19.16 -0.87
N SER A 542 -27.10 18.51 -0.28
CA SER A 542 -25.93 18.12 -1.05
C SER A 542 -26.30 17.13 -2.15
N SER A 543 -27.21 16.20 -1.85
CA SER A 543 -27.68 15.27 -2.87
C SER A 543 -28.29 15.99 -4.06
N CYS A 544 -28.57 17.28 -3.96
CA CYS A 544 -28.91 18.09 -5.12
C CYS A 544 -27.67 18.63 -5.82
N VAL A 545 -26.48 18.33 -5.29
CA VAL A 545 -25.23 18.67 -5.93
C VAL A 545 -24.52 17.43 -6.46
N ASN A 546 -24.61 16.32 -5.73
CA ASN A 546 -24.11 15.05 -6.24
C ASN A 546 -24.91 14.54 -7.43
N ILE A 547 -25.97 15.23 -7.80
CA ILE A 547 -26.74 14.91 -9.00
C ILE A 547 -26.49 15.93 -10.10
N LEU A 548 -26.51 17.22 -9.76
CA LEU A 548 -26.27 18.26 -10.75
C LEU A 548 -24.92 18.06 -11.46
N GLU A 549 -23.97 17.40 -10.80
CA GLU A 549 -22.65 17.17 -11.38
C GLU A 549 -22.51 15.76 -11.93
N ASN A 550 -23.61 15.03 -12.10
CA ASN A 550 -23.58 13.72 -12.72
C ASN A 550 -22.63 12.78 -12.00
N PHE A 551 -22.75 12.72 -10.67
CA PHE A 551 -22.04 11.71 -9.91
C PHE A 551 -22.82 10.41 -9.85
N TYR A 552 -24.13 10.48 -9.62
CA TYR A 552 -25.00 9.34 -9.45
C TYR A 552 -26.13 9.41 -10.45
N PRO A 553 -26.76 8.28 -10.77
CA PRO A 553 -27.86 8.29 -11.72
C PRO A 553 -29.22 8.44 -11.04
N LEU A 554 -30.12 9.11 -11.75
CA LEU A 554 -31.47 9.32 -11.25
C LEU A 554 -32.31 8.08 -11.44
N GLN A 555 -33.51 8.10 -10.86
CA GLN A 555 -34.46 7.02 -11.05
C GLN A 555 -35.72 7.49 -11.77
N GLY A 556 -36.12 8.73 -11.55
CA GLY A 556 -37.20 9.33 -12.29
C GLY A 556 -37.04 10.84 -12.36
N GLY A 557 -37.06 11.38 -13.58
CA GLY A 557 -36.85 12.79 -13.78
C GLY A 557 -35.54 13.08 -14.50
N ARG A 558 -35.37 14.35 -14.86
CA ARG A 558 -34.21 14.79 -15.60
C ARG A 558 -33.68 16.09 -15.01
N VAL A 559 -32.36 16.26 -15.07
CA VAL A 559 -31.69 17.49 -14.67
C VAL A 559 -31.21 18.18 -15.93
N LEU A 560 -31.80 19.32 -16.25
CA LEU A 560 -31.50 20.03 -17.48
C LEU A 560 -30.54 21.18 -17.23
N LEU A 561 -29.55 21.31 -18.10
CA LEU A 561 -28.61 22.42 -18.09
C LEU A 561 -28.77 23.17 -19.41
N ASP A 562 -29.61 24.21 -19.41
CA ASP A 562 -29.86 25.01 -20.60
C ASP A 562 -30.66 24.23 -21.64
N GLY A 563 -31.66 23.49 -21.19
CA GLY A 563 -32.58 22.79 -22.07
C GLY A 563 -32.24 21.34 -22.35
N LYS A 564 -30.96 21.01 -22.41
CA LYS A 564 -30.60 19.63 -22.75
C LYS A 564 -30.05 18.91 -21.51
N PRO A 565 -30.46 17.67 -21.29
CA PRO A 565 -30.05 16.97 -20.06
C PRO A 565 -28.53 16.93 -19.94
N ILE A 566 -28.06 16.98 -18.70
CA ILE A 566 -26.62 17.01 -18.46
C ILE A 566 -25.94 15.76 -18.98
N GLY A 567 -26.65 14.63 -19.05
CA GLY A 567 -26.05 13.42 -19.57
C GLY A 567 -25.57 13.51 -21.00
N ALA A 568 -25.85 14.62 -21.68
CA ALA A 568 -25.51 14.80 -23.08
C ALA A 568 -24.50 15.93 -23.27
N TYR A 569 -23.49 15.98 -22.40
CA TYR A 569 -22.44 16.97 -22.48
C TYR A 569 -21.07 16.30 -22.36
N ASP A 570 -20.07 16.92 -22.96
CA ASP A 570 -18.72 16.37 -22.90
C ASP A 570 -18.25 16.31 -21.46
N HIS A 571 -18.08 15.10 -20.94
CA HIS A 571 -17.76 14.95 -19.52
C HIS A 571 -16.59 15.81 -19.10
N LYS A 572 -15.68 16.12 -20.01
CA LYS A 572 -14.55 16.98 -19.67
C LYS A 572 -14.86 18.45 -19.87
N TYR A 573 -15.99 18.78 -20.49
CA TYR A 573 -16.43 20.16 -20.66
C TYR A 573 -17.47 20.57 -19.63
N LEU A 574 -18.42 19.68 -19.33
CA LEU A 574 -19.42 19.99 -18.31
C LEU A 574 -18.77 20.44 -17.01
N HIS A 575 -17.73 19.75 -16.58
CA HIS A 575 -17.06 20.05 -15.33
C HIS A 575 -16.12 21.23 -15.42
N ARG A 576 -16.07 21.90 -16.57
CA ARG A 576 -15.34 23.15 -16.71
C ARG A 576 -16.27 24.35 -16.79
N VAL A 577 -17.59 24.11 -16.81
CA VAL A 577 -18.59 25.17 -16.76
C VAL A 577 -19.47 25.06 -15.53
N ILE A 578 -19.19 24.11 -14.63
CA ILE A 578 -19.92 23.95 -13.37
C ILE A 578 -18.88 23.74 -12.28
N SER A 579 -18.51 24.80 -11.59
CA SER A 579 -17.57 24.67 -10.49
C SER A 579 -18.31 24.27 -9.22
N LEU A 580 -17.54 23.79 -8.24
CA LEU A 580 -18.13 23.27 -7.02
C LEU A 580 -17.20 23.52 -5.85
N VAL A 581 -17.78 23.73 -4.67
CA VAL A 581 -17.05 23.85 -3.42
C VAL A 581 -17.67 22.83 -2.47
N SER A 582 -17.01 21.67 -2.33
CA SER A 582 -17.58 20.60 -1.54
C SER A 582 -17.86 21.08 -0.12
N GLN A 583 -18.63 20.28 0.62
CA GLN A 583 -19.02 20.71 1.96
C GLN A 583 -17.81 20.80 2.87
N GLU A 584 -16.98 19.76 2.89
CA GLU A 584 -15.68 19.80 3.56
C GLU A 584 -14.58 19.83 2.51
N PRO A 585 -14.09 21.00 2.11
CA PRO A 585 -13.13 21.05 0.99
C PRO A 585 -11.92 20.18 1.27
N VAL A 586 -11.37 19.62 0.20
CA VAL A 586 -10.20 18.74 0.27
C VAL A 586 -9.14 19.29 -0.66
N LEU A 587 -8.04 19.76 -0.08
CA LEU A 587 -6.91 20.23 -0.86
C LEU A 587 -5.89 19.11 -1.00
N PHE A 588 -4.95 19.29 -1.93
CA PHE A 588 -3.92 18.31 -2.19
C PHE A 588 -2.58 18.79 -1.64
N ALA A 589 -1.65 17.84 -1.49
CA ALA A 589 -0.34 18.12 -0.91
C ALA A 589 0.58 18.68 -2.00
N ARG A 590 0.39 19.97 -2.28
CA ARG A 590 1.22 20.67 -3.26
C ARG A 590 1.40 22.10 -2.77
N SER A 591 1.90 22.96 -3.65
CA SER A 591 1.97 24.37 -3.35
C SER A 591 0.57 24.97 -3.38
N ILE A 592 0.48 26.28 -3.20
CA ILE A 592 -0.81 26.95 -3.31
C ILE A 592 -1.05 27.41 -4.74
N THR A 593 -0.06 28.04 -5.37
CA THR A 593 -0.21 28.42 -6.77
C THR A 593 -0.40 27.20 -7.68
N ASP A 594 -0.07 26.02 -7.20
CA ASP A 594 -0.32 24.79 -7.93
C ASP A 594 -1.55 24.05 -7.40
N ASN A 595 -2.29 24.68 -6.50
CA ASN A 595 -3.54 24.14 -5.99
C ASN A 595 -4.75 24.99 -6.32
N ILE A 596 -4.55 26.28 -6.62
CA ILE A 596 -5.63 27.13 -7.12
C ILE A 596 -5.82 26.95 -8.62
N SER A 597 -4.94 26.20 -9.28
CA SER A 597 -5.05 25.95 -10.71
C SER A 597 -4.99 24.45 -10.96
N TYR A 598 -5.78 23.69 -10.20
CA TYR A 598 -5.65 22.24 -10.20
C TYR A 598 -5.99 21.64 -11.55
N GLY A 599 -7.24 21.82 -12.00
CA GLY A 599 -7.68 21.18 -13.22
C GLY A 599 -7.17 21.79 -14.49
N LEU A 600 -6.61 23.00 -14.42
CA LEU A 600 -6.26 23.72 -15.63
C LEU A 600 -4.80 23.49 -16.02
N PRO A 601 -4.51 23.45 -17.31
CA PRO A 601 -3.11 23.38 -17.76
C PRO A 601 -2.43 24.72 -17.79
N THR A 602 -1.49 24.94 -16.88
CA THR A 602 -0.56 26.07 -16.92
C THR A 602 -1.28 27.41 -17.16
N VAL A 603 -2.11 27.77 -16.20
CA VAL A 603 -2.74 29.10 -16.23
C VAL A 603 -1.73 30.15 -15.82
N PRO A 604 -1.69 31.32 -16.46
CA PRO A 604 -0.65 32.30 -16.14
C PRO A 604 -0.77 32.81 -14.71
N PHE A 605 0.38 32.98 -14.06
CA PHE A 605 0.40 33.38 -12.66
C PHE A 605 -0.30 34.71 -12.42
N GLU A 606 -0.60 35.46 -13.48
CA GLU A 606 -1.34 36.70 -13.30
C GLU A 606 -2.81 36.44 -12.98
N MET A 607 -3.37 35.34 -13.48
CA MET A 607 -4.77 35.04 -13.25
C MET A 607 -4.99 34.30 -11.95
N VAL A 608 -3.93 33.76 -11.34
CA VAL A 608 -4.07 33.09 -10.05
C VAL A 608 -4.18 34.11 -8.94
N VAL A 609 -3.57 35.29 -9.12
CA VAL A 609 -3.71 36.35 -8.12
C VAL A 609 -5.00 37.12 -8.34
N GLU A 610 -5.33 37.42 -9.59
CA GLU A 610 -6.59 38.11 -9.87
C GLU A 610 -7.78 37.30 -9.41
N ALA A 611 -7.60 35.99 -9.22
CA ALA A 611 -8.66 35.12 -8.74
C ALA A 611 -8.46 34.68 -7.30
N ALA A 612 -7.39 35.13 -6.65
CA ALA A 612 -7.18 34.88 -5.23
C ALA A 612 -7.48 36.11 -4.39
N GLN A 613 -7.77 37.25 -5.02
CA GLN A 613 -8.25 38.43 -4.31
C GLN A 613 -9.77 38.43 -4.21
N LYS A 614 -10.47 37.87 -5.20
CA LYS A 614 -11.91 37.70 -5.09
C LYS A 614 -12.25 36.88 -3.86
N ALA A 615 -11.64 35.69 -3.73
CA ALA A 615 -11.89 34.81 -2.60
C ALA A 615 -11.27 35.32 -1.31
N ASN A 616 -10.68 36.52 -1.32
CA ASN A 616 -10.13 37.13 -0.11
C ASN A 616 -9.02 36.29 0.50
N ALA A 617 -8.22 35.63 -0.35
CA ALA A 617 -7.11 34.82 0.12
C ALA A 617 -5.77 35.52 0.03
N HIS A 618 -5.57 36.40 -0.97
CA HIS A 618 -4.29 37.05 -1.15
C HIS A 618 -3.81 37.77 0.11
N GLY A 619 -4.71 38.03 1.05
CA GLY A 619 -4.30 38.71 2.27
C GLY A 619 -3.42 37.84 3.16
N PHE A 620 -3.81 36.58 3.32
CA PHE A 620 -3.09 35.67 4.21
C PHE A 620 -2.06 34.81 3.48
N ILE A 621 -2.10 34.78 2.14
CA ILE A 621 -1.11 34.00 1.40
C ILE A 621 0.23 34.72 1.38
N MET A 622 0.22 36.04 1.25
CA MET A 622 1.45 36.82 1.17
C MET A 622 2.11 37.02 2.53
N GLU A 623 1.65 36.31 3.56
CA GLU A 623 2.30 36.35 4.86
C GLU A 623 2.89 35.01 5.26
N LEU A 624 2.53 33.93 4.58
CA LEU A 624 3.13 32.64 4.85
C LEU A 624 4.64 32.72 4.62
N GLN A 625 5.36 31.75 5.18
CA GLN A 625 6.82 31.79 5.14
C GLN A 625 7.34 31.85 3.70
N ASP A 626 6.56 31.34 2.74
CA ASP A 626 7.02 31.24 1.37
C ASP A 626 6.05 31.82 0.36
N GLY A 627 4.98 32.47 0.80
CA GLY A 627 4.05 33.05 -0.14
C GLY A 627 3.30 31.99 -0.92
N TYR A 628 3.09 32.25 -2.21
CA TYR A 628 2.31 31.36 -3.06
C TYR A 628 2.98 30.05 -3.32
N SER A 629 4.14 29.76 -2.71
CA SER A 629 4.84 28.51 -2.96
C SER A 629 4.88 27.63 -1.72
N THR A 630 4.22 28.02 -0.64
CA THR A 630 4.17 27.18 0.55
C THR A 630 3.43 25.88 0.23
N GLU A 631 3.38 25.00 1.22
CA GLU A 631 2.77 23.69 1.04
C GLU A 631 1.65 23.48 2.05
N THR A 632 0.61 22.77 1.63
CA THR A 632 -0.53 22.41 2.46
C THR A 632 -0.75 20.91 2.28
N GLY A 633 -0.04 20.11 3.07
CA GLY A 633 0.07 18.69 2.81
C GLY A 633 -1.08 17.87 3.34
N GLU A 634 -1.40 16.79 2.61
CA GLU A 634 -2.27 15.73 3.09
C GLU A 634 -3.64 16.28 3.48
N LYS A 635 -4.37 16.76 2.47
CA LYS A 635 -5.71 17.30 2.64
C LYS A 635 -5.70 18.69 3.26
N GLY A 636 -4.69 19.49 2.93
CA GLY A 636 -4.62 20.84 3.48
C GLY A 636 -4.69 20.88 4.99
N ALA A 637 -4.18 19.85 5.66
CA ALA A 637 -4.17 19.82 7.11
C ALA A 637 -3.13 20.75 7.72
N GLN A 638 -2.31 21.40 6.89
CA GLN A 638 -1.36 22.39 7.37
C GLN A 638 -1.84 23.81 7.10
N LEU A 639 -3.15 24.00 6.98
CA LEU A 639 -3.77 25.31 6.91
C LEU A 639 -4.95 25.33 7.85
N SER A 640 -5.27 26.51 8.37
CA SER A 640 -6.39 26.61 9.29
C SER A 640 -7.67 26.15 8.60
N GLY A 641 -8.70 25.97 9.41
CA GLY A 641 -9.99 25.60 8.84
C GLY A 641 -10.64 26.72 8.04
N GLY A 642 -10.23 27.96 8.27
CA GLY A 642 -10.80 29.08 7.56
C GLY A 642 -9.94 29.53 6.39
N GLN A 643 -8.69 29.09 6.38
CA GLN A 643 -7.82 29.32 5.22
C GLN A 643 -7.96 28.25 4.16
N LYS A 644 -8.51 27.09 4.51
CA LYS A 644 -8.70 26.03 3.53
C LYS A 644 -9.95 26.26 2.70
N GLN A 645 -10.90 27.03 3.20
CA GLN A 645 -12.04 27.42 2.39
C GLN A 645 -11.64 28.43 1.34
N ARG A 646 -11.08 29.56 1.77
CA ARG A 646 -10.70 30.62 0.85
C ARG A 646 -9.68 30.17 -0.19
N VAL A 647 -9.06 29.00 -0.01
CA VAL A 647 -8.25 28.43 -1.07
C VAL A 647 -9.02 27.39 -1.87
N ALA A 648 -10.15 26.91 -1.36
CA ALA A 648 -11.03 26.06 -2.14
C ALA A 648 -11.99 26.88 -2.99
N MET A 649 -12.24 28.13 -2.65
CA MET A 649 -13.01 29.02 -3.51
C MET A 649 -12.16 29.50 -4.68
N ALA A 650 -11.01 30.09 -4.40
CA ALA A 650 -10.12 30.52 -5.47
C ALA A 650 -9.89 29.41 -6.49
N ARG A 651 -9.97 28.15 -6.06
CA ARG A 651 -9.80 27.06 -6.98
C ARG A 651 -11.00 26.91 -7.90
N ALA A 652 -12.15 27.44 -7.51
CA ALA A 652 -13.36 27.36 -8.32
C ALA A 652 -13.62 28.63 -9.11
N LEU A 653 -12.98 29.74 -8.75
CA LEU A 653 -13.19 31.01 -9.43
C LEU A 653 -12.17 31.28 -10.52
N VAL A 654 -11.05 30.57 -10.53
CA VAL A 654 -10.02 30.81 -11.54
C VAL A 654 -10.40 30.29 -12.91
N ARG A 655 -11.59 29.70 -13.05
CA ARG A 655 -12.07 29.21 -14.33
C ARG A 655 -13.14 30.10 -14.95
N ASN A 656 -13.69 31.05 -14.19
CA ASN A 656 -14.81 31.87 -14.65
C ASN A 656 -15.97 30.97 -15.07
N PRO A 657 -16.51 30.16 -14.15
CA PRO A 657 -17.55 29.21 -14.51
C PRO A 657 -18.89 29.90 -14.66
N PRO A 658 -19.57 29.73 -15.80
CA PRO A 658 -20.90 30.30 -15.94
C PRO A 658 -21.91 29.79 -14.92
N VAL A 659 -21.61 28.70 -14.23
CA VAL A 659 -22.47 28.18 -13.18
C VAL A 659 -21.60 27.83 -11.99
N LEU A 660 -21.85 28.45 -10.85
CA LEU A 660 -21.05 28.28 -9.65
C LEU A 660 -21.90 27.64 -8.57
N ILE A 661 -21.31 26.75 -7.80
CA ILE A 661 -22.01 26.02 -6.73
C ILE A 661 -21.19 26.13 -5.47
N LEU A 662 -21.78 26.68 -4.41
CA LEU A 662 -21.13 26.85 -3.12
C LEU A 662 -21.90 26.01 -2.11
N ASP A 663 -21.45 24.78 -1.87
CA ASP A 663 -22.16 23.92 -0.93
C ASP A 663 -22.19 24.54 0.46
N GLU A 664 -21.03 24.64 1.10
CA GLU A 664 -20.88 25.47 2.30
C GLU A 664 -19.41 25.91 2.33
N ALA A 665 -19.15 27.09 1.77
CA ALA A 665 -17.79 27.61 1.69
C ALA A 665 -17.64 28.89 2.51
N THR A 666 -18.44 29.91 2.22
CA THR A 666 -18.34 31.15 2.96
C THR A 666 -18.84 31.02 4.39
N SER A 667 -20.00 30.39 4.59
CA SER A 667 -20.60 30.34 5.92
C SER A 667 -19.90 29.32 6.80
N ALA A 668 -19.14 28.40 6.22
CA ALA A 668 -18.61 27.29 6.99
C ALA A 668 -17.78 27.78 8.18
N LEU A 669 -16.65 28.43 7.91
CA LEU A 669 -15.67 28.72 8.95
C LEU A 669 -15.02 30.09 8.80
N ASP A 670 -15.71 31.04 8.19
CA ASP A 670 -15.19 32.39 8.05
C ASP A 670 -15.59 33.26 9.23
N ALA A 671 -14.81 34.31 9.47
CA ALA A 671 -14.92 35.13 10.68
C ALA A 671 -15.97 36.23 10.56
N GLU A 672 -16.84 36.15 9.56
CA GLU A 672 -17.97 37.07 9.43
C GLU A 672 -17.53 38.47 8.98
N SER A 673 -16.22 38.70 8.88
CA SER A 673 -15.69 39.92 8.30
C SER A 673 -15.22 39.72 6.88
N GLU A 674 -14.26 38.82 6.65
CA GLU A 674 -13.98 38.34 5.31
C GLU A 674 -15.16 37.54 4.76
N TYR A 675 -16.13 37.24 5.61
CA TYR A 675 -17.35 36.58 5.17
C TYR A 675 -18.10 37.42 4.15
N LEU A 676 -18.02 38.75 4.28
CA LEU A 676 -18.74 39.63 3.37
C LEU A 676 -17.93 39.88 2.10
N ILE A 677 -16.66 40.23 2.25
CA ILE A 677 -15.85 40.61 1.10
C ILE A 677 -15.89 39.56 0.00
N GLN A 678 -16.12 38.30 0.36
CA GLN A 678 -16.41 37.30 -0.66
C GLN A 678 -17.83 37.46 -1.18
N GLN A 679 -18.79 37.66 -0.29
CA GLN A 679 -20.19 37.76 -0.69
C GLN A 679 -20.42 38.89 -1.68
N ALA A 680 -19.48 39.82 -1.80
CA ALA A 680 -19.66 40.95 -2.70
C ALA A 680 -19.24 40.60 -4.12
N ILE A 681 -17.97 40.23 -4.31
CA ILE A 681 -17.38 40.17 -5.64
C ILE A 681 -17.65 38.86 -6.37
N HIS A 682 -18.23 37.86 -5.70
CA HIS A 682 -18.33 36.53 -6.29
C HIS A 682 -19.20 36.54 -7.54
N GLY A 683 -20.42 37.04 -7.44
CA GLY A 683 -21.35 36.97 -8.56
C GLY A 683 -22.09 38.25 -8.85
N ASN A 684 -21.89 39.27 -7.99
CA ASN A 684 -22.58 40.54 -8.19
C ASN A 684 -21.98 41.35 -9.33
N LEU A 685 -20.67 41.21 -9.57
CA LEU A 685 -20.02 42.00 -10.60
C LEU A 685 -20.17 41.36 -11.98
N GLN A 686 -19.82 40.09 -12.10
CA GLN A 686 -19.87 39.37 -13.36
C GLN A 686 -21.19 38.62 -13.48
N ARG A 687 -21.30 37.83 -14.55
CA ARG A 687 -22.51 37.07 -14.84
C ARG A 687 -22.27 35.61 -14.46
N HIS A 688 -22.76 35.23 -13.29
CA HIS A 688 -22.73 33.85 -12.83
C HIS A 688 -24.16 33.38 -12.62
N THR A 689 -24.30 32.09 -12.29
CA THR A 689 -25.56 31.54 -11.78
C THR A 689 -25.20 30.80 -10.50
N VAL A 690 -25.15 31.55 -9.40
CA VAL A 690 -24.69 30.98 -8.14
C VAL A 690 -25.77 30.07 -7.57
N LEU A 691 -25.38 29.25 -6.60
CA LEU A 691 -26.31 28.39 -5.86
C LEU A 691 -25.73 28.23 -4.46
N ILE A 692 -26.22 29.05 -3.52
CA ILE A 692 -25.67 29.11 -2.18
C ILE A 692 -26.46 28.18 -1.29
N ILE A 693 -25.83 27.09 -0.86
CA ILE A 693 -26.35 26.27 0.22
C ILE A 693 -25.74 26.75 1.52
N ALA A 694 -26.53 26.82 2.58
CA ALA A 694 -26.00 27.32 3.84
C ALA A 694 -27.07 27.23 4.91
N HIS A 695 -26.65 27.53 6.14
CA HIS A 695 -27.52 27.57 7.29
C HIS A 695 -27.63 28.95 7.94
N ARG A 696 -26.61 29.79 7.78
CA ARG A 696 -26.66 31.14 8.33
C ARG A 696 -27.76 31.95 7.65
N LEU A 697 -28.31 32.91 8.40
CA LEU A 697 -29.31 33.81 7.84
C LEU A 697 -28.68 34.88 6.96
N SER A 698 -27.35 35.05 7.06
CA SER A 698 -26.69 36.12 6.32
C SER A 698 -26.70 35.85 4.82
N THR A 699 -26.25 34.67 4.41
CA THR A 699 -26.17 34.35 2.98
C THR A 699 -27.52 34.55 2.31
N VAL A 700 -28.53 33.80 2.75
CA VAL A 700 -29.81 33.75 2.05
C VAL A 700 -30.65 34.99 2.26
N GLU A 701 -30.17 35.96 3.03
CA GLU A 701 -30.95 37.18 3.26
C GLU A 701 -31.17 37.93 1.96
N ARG A 702 -30.09 38.23 1.24
CA ARG A 702 -30.18 39.00 0.01
C ARG A 702 -30.28 38.13 -1.24
N ALA A 703 -30.48 36.83 -1.09
CA ALA A 703 -30.58 35.94 -2.23
C ALA A 703 -31.78 36.32 -3.10
N HIS A 704 -31.63 36.13 -4.41
CA HIS A 704 -32.72 36.44 -5.32
C HIS A 704 -33.86 35.43 -5.22
N LEU A 705 -33.63 34.30 -4.56
CA LEU A 705 -34.66 33.30 -4.40
C LEU A 705 -34.22 32.33 -3.31
N ILE A 706 -35.20 31.63 -2.73
CA ILE A 706 -34.93 30.60 -1.73
C ILE A 706 -35.81 29.41 -2.03
N VAL A 707 -35.29 28.21 -1.78
CA VAL A 707 -36.02 26.97 -2.02
C VAL A 707 -35.85 26.12 -0.77
N VAL A 708 -36.83 26.19 0.14
CA VAL A 708 -36.79 25.41 1.36
C VAL A 708 -37.31 24.01 1.05
N LEU A 709 -36.48 23.00 1.32
CA LEU A 709 -36.87 21.61 1.11
C LEU A 709 -36.65 20.83 2.40
N ASP A 710 -37.57 19.93 2.70
CA ASP A 710 -37.54 19.14 3.92
C ASP A 710 -37.80 17.68 3.58
N LYS A 711 -36.97 16.80 4.13
CA LYS A 711 -37.11 15.35 3.95
C LYS A 711 -37.20 14.97 2.47
N GLY A 712 -36.63 15.78 1.59
CA GLY A 712 -36.64 15.49 0.17
C GLY A 712 -37.87 15.91 -0.57
N ARG A 713 -38.46 17.05 -0.21
CA ARG A 713 -39.63 17.58 -0.90
C ARG A 713 -39.60 19.10 -0.82
N VAL A 714 -39.48 19.75 -1.97
CA VAL A 714 -39.46 21.21 -2.00
C VAL A 714 -40.76 21.72 -1.42
N VAL A 715 -40.66 22.66 -0.48
CA VAL A 715 -41.80 23.16 0.28
C VAL A 715 -42.15 24.59 -0.13
N GLN A 716 -41.19 25.51 0.00
CA GLN A 716 -41.44 26.93 -0.24
C GLN A 716 -40.41 27.49 -1.20
N GLN A 717 -40.87 28.32 -2.14
CA GLN A 717 -40.01 28.99 -3.11
C GLN A 717 -40.35 30.48 -3.09
N GLY A 718 -39.69 31.23 -2.24
CA GLY A 718 -39.96 32.65 -2.15
C GLY A 718 -38.78 33.40 -1.56
N THR A 719 -38.73 34.70 -1.87
CA THR A 719 -37.64 35.55 -1.41
C THR A 719 -37.69 35.66 0.10
N HIS A 720 -36.71 36.35 0.70
CA HIS A 720 -36.62 36.40 2.15
C HIS A 720 -37.89 36.97 2.78
N GLN A 721 -38.18 38.24 2.49
CA GLN A 721 -39.36 38.87 3.07
C GLN A 721 -40.64 38.17 2.60
N GLN A 722 -40.74 37.91 1.29
CA GLN A 722 -41.93 37.24 0.77
C GLN A 722 -42.12 35.86 1.39
N LEU A 723 -41.07 35.32 2.02
CA LEU A 723 -41.17 34.02 2.67
C LEU A 723 -41.23 34.13 4.18
N LEU A 724 -40.72 35.22 4.75
CA LEU A 724 -40.82 35.42 6.18
C LEU A 724 -42.21 35.88 6.60
N ALA A 725 -43.04 36.30 5.65
CA ALA A 725 -44.40 36.69 5.97
C ALA A 725 -45.24 35.47 6.36
N GLN A 726 -45.24 34.44 5.52
CA GLN A 726 -45.99 33.22 5.76
C GLN A 726 -45.10 32.20 6.45
N GLY A 727 -45.56 31.69 7.60
CA GLY A 727 -44.82 30.68 8.32
C GLY A 727 -44.80 29.35 7.61
N GLY A 728 -43.65 29.00 7.03
CA GLY A 728 -43.53 27.79 6.25
C GLY A 728 -42.35 26.92 6.64
N LEU A 729 -42.05 26.87 7.94
CA LEU A 729 -40.90 26.15 8.45
C LEU A 729 -39.62 26.94 8.16
N TYR A 730 -39.74 28.04 7.43
CA TYR A 730 -38.60 28.93 7.25
C TYR A 730 -38.50 29.92 8.39
N ALA A 731 -39.55 30.71 8.61
CA ALA A 731 -39.56 31.65 9.72
C ALA A 731 -39.25 30.99 11.05
N LYS A 732 -39.45 29.67 11.15
CA LYS A 732 -39.10 28.97 12.39
C LYS A 732 -37.61 28.64 12.45
N LEU A 733 -36.95 28.49 11.30
CA LEU A 733 -35.52 28.21 11.30
C LEU A 733 -34.73 29.43 11.72
N VAL A 734 -34.86 30.53 10.99
CA VAL A 734 -34.12 31.76 11.29
C VAL A 734 -34.56 32.41 12.59
N GLN A 735 -35.60 31.89 13.24
CA GLN A 735 -36.10 32.53 14.46
C GLN A 735 -35.01 32.65 15.51
N ARG A 736 -34.41 31.51 15.88
CA ARG A 736 -33.43 31.52 16.96
C ARG A 736 -32.22 32.40 16.66
N GLN A 737 -31.97 32.72 15.39
CA GLN A 737 -30.82 33.51 15.00
C GLN A 737 -31.14 34.98 14.75
N MET A 738 -32.41 35.35 14.71
CA MET A 738 -32.80 36.75 14.50
C MET A 738 -32.69 37.48 15.85
N LEU A 739 -31.55 38.12 16.07
CA LEU A 739 -31.32 38.87 17.30
C LEU A 739 -30.51 40.14 17.01
N ALA B 168 22.10 0.84 7.91
CA ALA B 168 21.91 -0.56 8.22
C ALA B 168 22.99 -1.40 7.56
N THR B 169 23.72 -2.16 8.37
CA THR B 169 24.79 -3.02 7.88
C THR B 169 24.21 -4.41 7.59
N LEU B 170 25.09 -5.37 7.32
CA LEU B 170 24.65 -6.72 7.05
C LEU B 170 24.42 -7.53 8.33
N GLN B 171 25.15 -7.19 9.40
CA GLN B 171 24.93 -7.88 10.67
C GLN B 171 23.55 -7.56 11.23
N LYS B 172 23.14 -6.30 11.19
CA LYS B 172 21.84 -5.92 11.72
C LYS B 172 20.71 -6.67 11.02
N LEU B 173 20.72 -6.69 9.69
CA LEU B 173 19.66 -7.38 8.96
C LEU B 173 19.52 -8.82 9.41
N LEU B 174 20.64 -9.48 9.73
CA LEU B 174 20.61 -10.85 10.20
C LEU B 174 20.28 -10.96 11.68
N SER B 175 20.09 -9.84 12.37
CA SER B 175 19.71 -9.92 13.78
C SER B 175 18.23 -10.20 13.97
N TYR B 176 17.38 -9.66 13.11
CA TYR B 176 15.94 -9.93 13.20
C TYR B 176 15.60 -11.36 12.87
N THR B 177 16.59 -12.19 12.54
CA THR B 177 16.38 -13.61 12.31
C THR B 177 17.07 -14.46 13.37
N LYS B 178 17.25 -13.92 14.57
CA LYS B 178 17.86 -14.63 15.67
C LYS B 178 16.86 -15.59 16.31
N PRO B 179 15.60 -15.19 16.52
CA PRO B 179 14.63 -16.11 17.11
C PRO B 179 14.27 -17.26 16.19
N ASP B 180 14.94 -17.34 15.04
CA ASP B 180 14.72 -18.41 14.08
C ASP B 180 15.94 -19.33 13.95
N VAL B 181 16.71 -19.49 15.02
CA VAL B 181 17.79 -20.46 15.02
C VAL B 181 17.24 -21.85 15.30
N ALA B 182 16.32 -21.97 16.26
CA ALA B 182 15.66 -23.24 16.52
C ALA B 182 15.06 -23.82 15.25
N PHE B 183 14.83 -22.99 14.25
CA PHE B 183 14.28 -23.45 12.97
C PHE B 183 15.36 -23.67 11.93
N LEU B 184 16.43 -22.88 11.95
CA LEU B 184 17.46 -23.01 10.92
C LEU B 184 18.34 -24.23 11.16
N VAL B 185 18.58 -24.59 12.43
CA VAL B 185 19.34 -25.80 12.70
C VAL B 185 18.55 -27.03 12.27
N ALA B 186 17.28 -27.11 12.67
CA ALA B 186 16.45 -28.22 12.22
C ALA B 186 16.22 -28.19 10.72
N ALA B 187 16.48 -27.03 10.09
CA ALA B 187 16.39 -26.95 8.65
C ALA B 187 17.72 -27.27 7.98
N SER B 188 18.83 -27.09 8.69
CA SER B 188 20.13 -27.47 8.16
C SER B 188 20.40 -28.95 8.35
N PHE B 189 20.09 -29.48 9.54
CA PHE B 189 20.24 -30.91 9.78
C PHE B 189 19.50 -31.72 8.74
N PHE B 190 18.21 -31.45 8.58
CA PHE B 190 17.44 -32.12 7.53
C PHE B 190 17.94 -31.80 6.14
N LEU B 191 18.94 -30.93 6.01
CA LEU B 191 19.56 -30.66 4.73
C LEU B 191 20.77 -31.56 4.48
N ILE B 192 21.54 -31.84 5.52
CA ILE B 192 22.64 -32.80 5.40
C ILE B 192 22.10 -34.15 4.95
N VAL B 193 21.10 -34.67 5.69
CA VAL B 193 20.53 -35.97 5.35
C VAL B 193 20.04 -36.00 3.91
N ALA B 194 19.70 -34.84 3.35
CA ALA B 194 19.28 -34.80 1.96
C ALA B 194 20.45 -34.88 0.99
N ALA B 195 21.69 -34.72 1.49
CA ALA B 195 22.86 -34.80 0.64
C ALA B 195 23.45 -36.21 0.63
N LEU B 196 23.60 -36.82 1.81
CA LEU B 196 24.07 -38.20 1.86
C LEU B 196 23.30 -39.08 0.89
N GLY B 197 21.97 -39.15 1.06
CA GLY B 197 21.15 -39.94 0.16
C GLY B 197 21.30 -39.57 -1.30
N GLU B 198 21.90 -38.42 -1.59
CA GLU B 198 22.10 -38.01 -2.99
C GLU B 198 23.47 -38.41 -3.52
N THR B 199 24.38 -38.83 -2.66
CA THR B 199 25.71 -39.28 -3.08
C THR B 199 25.89 -40.78 -2.97
N PHE B 200 25.59 -41.36 -1.80
CA PHE B 200 25.75 -42.80 -1.60
C PHE B 200 24.79 -43.62 -2.44
N LEU B 201 23.78 -43.01 -3.05
CA LEU B 201 22.80 -43.78 -3.82
C LEU B 201 23.46 -44.59 -4.93
N PRO B 202 24.24 -44.00 -5.84
CA PRO B 202 24.90 -44.82 -6.86
C PRO B 202 25.77 -45.91 -6.27
N TYR B 203 26.68 -45.56 -5.35
CA TYR B 203 27.56 -46.55 -4.76
C TYR B 203 26.78 -47.73 -4.21
N TYR B 204 25.58 -47.47 -3.69
CA TYR B 204 24.73 -48.56 -3.22
C TYR B 204 23.84 -49.13 -4.33
N THR B 205 23.75 -48.44 -5.46
CA THR B 205 23.00 -48.99 -6.59
C THR B 205 23.79 -50.09 -7.28
N GLY B 206 25.00 -49.76 -7.75
CA GLY B 206 25.85 -50.79 -8.33
C GLY B 206 26.03 -51.98 -7.41
N ARG B 207 26.29 -51.72 -6.13
CA ARG B 207 26.36 -52.81 -5.16
C ARG B 207 25.08 -53.64 -5.15
N ALA B 208 23.97 -53.06 -5.61
CA ALA B 208 22.72 -53.80 -5.67
C ALA B 208 22.52 -54.45 -7.03
N ILE B 209 23.03 -53.83 -8.10
CA ILE B 209 22.89 -54.41 -9.43
C ILE B 209 23.79 -55.64 -9.57
N ASP B 210 24.97 -55.61 -8.96
CA ASP B 210 25.85 -56.78 -9.00
C ASP B 210 25.20 -57.99 -8.33
N SER B 211 24.48 -57.76 -7.23
CA SER B 211 23.82 -58.86 -6.53
C SER B 211 22.93 -59.65 -7.47
N ILE B 212 22.00 -58.98 -8.14
CA ILE B 212 21.15 -59.65 -9.11
C ILE B 212 21.98 -60.20 -10.26
N VAL B 213 23.09 -59.54 -10.60
CA VAL B 213 23.92 -60.00 -11.71
C VAL B 213 24.71 -61.24 -11.31
N ILE B 214 25.01 -61.41 -10.03
CA ILE B 214 25.78 -62.56 -9.58
C ILE B 214 25.07 -63.85 -9.97
N GLN B 215 23.88 -64.09 -9.40
CA GLN B 215 23.12 -65.28 -9.72
C GLN B 215 21.80 -64.98 -10.40
N LYS B 216 20.94 -64.17 -9.78
CA LYS B 216 19.60 -63.91 -10.29
C LYS B 216 18.98 -62.82 -9.43
N SER B 217 17.71 -62.53 -9.68
CA SER B 217 16.95 -61.61 -8.86
C SER B 217 16.05 -62.38 -7.89
N MET B 218 15.38 -61.62 -7.01
CA MET B 218 14.40 -62.12 -6.05
C MET B 218 15.03 -62.89 -4.89
N ASP B 219 16.36 -63.06 -4.87
CA ASP B 219 17.03 -63.77 -3.79
C ASP B 219 17.90 -62.85 -2.96
N GLN B 220 18.83 -62.13 -3.59
CA GLN B 220 19.60 -61.10 -2.92
C GLN B 220 19.24 -59.70 -3.40
N PHE B 221 18.51 -59.56 -4.51
CA PHE B 221 18.04 -58.26 -4.95
C PHE B 221 17.28 -57.56 -3.82
N THR B 222 16.21 -58.17 -3.33
CA THR B 222 15.47 -57.59 -2.22
C THR B 222 16.36 -57.35 -1.02
N THR B 223 17.38 -58.19 -0.83
CA THR B 223 18.31 -57.98 0.29
C THR B 223 19.11 -56.70 0.11
N ALA B 224 19.41 -56.33 -1.14
CA ALA B 224 20.16 -55.11 -1.41
C ALA B 224 19.28 -53.98 -1.92
N VAL B 225 18.23 -54.30 -2.67
CA VAL B 225 17.34 -53.25 -3.17
C VAL B 225 16.69 -52.48 -2.04
N VAL B 226 16.65 -53.05 -0.83
CA VAL B 226 16.07 -52.34 0.30
C VAL B 226 16.87 -51.08 0.60
N VAL B 227 18.19 -51.21 0.69
CA VAL B 227 19.02 -50.04 0.97
C VAL B 227 18.92 -49.00 -0.13
N VAL B 228 18.42 -49.38 -1.31
CA VAL B 228 18.17 -48.38 -2.34
C VAL B 228 16.84 -47.68 -2.12
N CYS B 229 15.87 -48.36 -1.49
CA CYS B 229 14.60 -47.73 -1.19
C CYS B 229 14.73 -46.78 -0.01
N LEU B 230 15.29 -47.26 1.11
CA LEU B 230 15.39 -46.43 2.30
C LEU B 230 16.08 -45.10 2.01
N LEU B 231 17.12 -45.12 1.17
CA LEU B 231 17.79 -43.88 0.82
C LEU B 231 16.86 -42.96 0.02
N ALA B 232 16.10 -43.53 -0.92
CA ALA B 232 15.15 -42.71 -1.67
C ALA B 232 14.08 -42.15 -0.74
N ILE B 233 13.45 -42.99 0.08
CA ILE B 233 12.49 -42.50 1.05
C ILE B 233 13.17 -41.58 2.06
N GLY B 234 14.24 -42.07 2.70
CA GLY B 234 14.95 -41.25 3.65
C GLY B 234 15.44 -39.93 3.08
N SER B 235 15.55 -39.85 1.76
CA SER B 235 15.99 -38.60 1.13
C SER B 235 14.83 -37.64 0.96
N SER B 236 13.77 -38.05 0.26
CA SER B 236 12.67 -37.14 -0.01
C SER B 236 12.11 -36.53 1.26
N LEU B 237 12.00 -37.30 2.34
CA LEU B 237 11.55 -36.74 3.60
C LEU B 237 12.36 -35.50 3.97
N ALA B 238 13.68 -35.59 3.86
CA ALA B 238 14.52 -34.43 4.15
C ALA B 238 14.27 -33.33 3.14
N ALA B 239 14.44 -33.61 1.85
CA ALA B 239 14.24 -32.58 0.83
C ALA B 239 12.85 -31.98 0.90
N GLY B 240 11.92 -32.63 1.60
CA GLY B 240 10.60 -32.05 1.78
C GLY B 240 10.50 -31.22 3.05
N ILE B 241 10.89 -31.82 4.18
CA ILE B 241 10.81 -31.09 5.44
C ILE B 241 11.68 -29.86 5.43
N ARG B 242 12.65 -29.78 4.52
CA ARG B 242 13.46 -28.57 4.41
C ARG B 242 12.69 -27.47 3.69
N GLY B 243 12.31 -27.72 2.44
CA GLY B 243 11.48 -26.77 1.72
C GLY B 243 10.22 -26.39 2.45
N GLY B 244 9.79 -27.21 3.42
CA GLY B 244 8.62 -26.87 4.21
C GLY B 244 8.94 -26.07 5.44
N ILE B 245 10.20 -25.71 5.64
CA ILE B 245 10.56 -24.84 6.76
C ILE B 245 11.14 -23.52 6.27
N PHE B 246 11.75 -23.50 5.08
CA PHE B 246 12.18 -22.23 4.52
C PHE B 246 11.03 -21.46 3.87
N THR B 247 9.80 -21.99 3.97
CA THR B 247 8.61 -21.20 3.71
C THR B 247 7.85 -20.88 4.98
N LEU B 248 8.21 -21.51 6.09
CA LEU B 248 7.69 -21.15 7.40
C LEU B 248 8.65 -20.25 8.17
N VAL B 249 9.77 -19.87 7.57
CA VAL B 249 10.65 -18.87 8.17
C VAL B 249 10.67 -17.59 7.34
N PHE B 250 10.10 -17.63 6.13
CA PHE B 250 9.86 -16.39 5.40
C PHE B 250 8.59 -15.71 5.86
N ALA B 251 7.68 -16.44 6.50
CA ALA B 251 6.51 -15.83 7.11
C ALA B 251 6.86 -15.26 8.48
N ARG B 252 7.29 -16.12 9.40
CA ARG B 252 7.63 -15.66 10.74
C ARG B 252 8.57 -14.47 10.71
N LEU B 253 9.45 -14.39 9.72
CA LEU B 253 10.33 -13.22 9.62
C LEU B 253 9.57 -12.02 9.07
N ASN B 254 8.57 -12.27 8.22
CA ASN B 254 7.74 -11.18 7.72
C ASN B 254 6.86 -10.61 8.81
N ILE B 255 6.03 -11.45 9.42
CA ILE B 255 5.12 -11.00 10.46
C ILE B 255 5.86 -10.24 11.54
N ARG B 256 7.12 -10.59 11.79
CA ARG B 256 7.86 -9.89 12.85
C ARG B 256 8.47 -8.60 12.34
N LEU B 257 8.79 -8.52 11.05
CA LEU B 257 9.31 -7.28 10.50
C LEU B 257 8.19 -6.29 10.23
N ARG B 258 6.98 -6.78 9.98
CA ARG B 258 5.83 -5.91 9.79
C ARG B 258 5.37 -5.35 11.14
N ASN B 259 4.99 -6.24 12.05
CA ASN B 259 4.51 -5.80 13.36
C ASN B 259 5.52 -4.90 14.05
N CYS B 260 6.81 -5.22 13.96
CA CYS B 260 7.79 -4.43 14.67
C CYS B 260 7.98 -3.04 14.09
N LEU B 261 7.41 -2.77 12.92
CA LEU B 261 7.47 -1.43 12.32
C LEU B 261 6.27 -0.59 12.76
N PHE B 262 5.06 -1.07 12.47
CA PHE B 262 3.86 -0.38 12.92
C PHE B 262 3.97 0.03 14.38
N ARG B 263 4.18 -0.95 15.26
CA ARG B 263 4.24 -0.66 16.68
C ARG B 263 5.27 0.41 17.02
N SER B 264 6.18 0.73 16.10
CA SER B 264 7.12 1.83 16.28
C SER B 264 6.88 2.96 15.30
N LEU B 265 5.88 2.84 14.43
CA LEU B 265 5.49 3.89 13.52
C LEU B 265 4.23 4.61 13.98
N VAL B 266 3.62 4.15 15.07
CA VAL B 266 2.41 4.74 15.62
C VAL B 266 2.64 5.30 17.01
N SER B 267 3.89 5.56 17.39
CA SER B 267 4.20 6.17 18.67
C SER B 267 5.14 7.35 18.50
N GLN B 268 5.14 7.95 17.31
CA GLN B 268 5.96 9.11 17.03
C GLN B 268 5.16 10.40 17.22
N GLU B 269 5.87 11.47 17.57
CA GLU B 269 5.22 12.74 17.77
C GLU B 269 4.41 13.13 16.55
N THR B 270 3.33 13.89 16.78
CA THR B 270 2.42 14.23 15.69
C THR B 270 3.12 15.06 14.62
N SER B 271 4.17 15.79 14.98
CA SER B 271 4.90 16.56 13.98
C SER B 271 5.56 15.68 12.94
N PHE B 272 5.56 14.36 13.14
CA PHE B 272 6.21 13.46 12.20
C PHE B 272 5.28 13.08 11.07
N PHE B 273 3.99 12.97 11.35
CA PHE B 273 3.02 12.60 10.32
C PHE B 273 2.65 13.76 9.42
N ASP B 274 3.12 14.97 9.72
CA ASP B 274 2.93 16.11 8.83
C ASP B 274 4.05 16.25 7.81
N GLU B 275 5.13 15.47 7.95
CA GLU B 275 6.24 15.51 7.02
C GLU B 275 6.38 14.27 6.17
N ASN B 276 5.61 13.21 6.46
CA ASN B 276 5.67 11.96 5.72
C ASN B 276 4.26 11.61 5.26
N ARG B 277 4.03 11.68 3.95
CA ARG B 277 2.69 11.47 3.42
C ARG B 277 2.27 10.02 3.56
N THR B 278 1.03 9.81 3.98
CA THR B 278 0.54 8.48 4.33
C THR B 278 0.57 7.50 3.17
N GLY B 279 0.94 7.93 1.97
CA GLY B 279 1.13 7.00 0.89
C GLY B 279 2.50 6.35 0.99
N ASP B 280 3.50 7.16 1.33
CA ASP B 280 4.84 6.64 1.55
C ASP B 280 4.85 5.64 2.70
N LEU B 281 4.41 6.07 3.89
CA LEU B 281 4.49 5.23 5.08
C LEU B 281 3.87 3.85 4.87
N ILE B 282 3.00 3.68 3.88
CA ILE B 282 2.39 2.38 3.64
C ILE B 282 3.14 1.61 2.57
N SER B 283 3.81 2.28 1.64
CA SER B 283 4.64 1.56 0.68
C SER B 283 5.84 0.93 1.37
N ARG B 284 6.24 1.45 2.53
CA ARG B 284 7.31 0.84 3.29
C ARG B 284 6.80 -0.29 4.16
N LEU B 285 5.55 -0.22 4.59
CA LEU B 285 5.01 -1.25 5.46
C LEU B 285 4.47 -2.43 4.64
N THR B 286 3.99 -2.16 3.43
CA THR B 286 3.39 -3.21 2.61
C THR B 286 4.40 -3.83 1.65
N SER B 287 5.08 -3.01 0.86
CA SER B 287 5.96 -3.53 -0.17
C SER B 287 7.33 -3.89 0.39
N ASP B 288 8.05 -2.91 0.95
CA ASP B 288 9.41 -3.15 1.41
C ASP B 288 9.51 -4.40 2.27
N THR B 289 8.75 -4.45 3.37
CA THR B 289 8.84 -5.60 4.26
C THR B 289 8.44 -6.91 3.58
N THR B 290 7.92 -6.84 2.35
CA THR B 290 7.74 -8.08 1.58
C THR B 290 8.99 -8.43 0.80
N MET B 291 9.66 -7.44 0.22
CA MET B 291 10.94 -7.69 -0.44
C MET B 291 11.96 -8.20 0.56
N VAL B 292 12.29 -7.39 1.56
CA VAL B 292 13.34 -7.74 2.52
C VAL B 292 13.10 -9.14 3.08
N SER B 293 11.84 -9.49 3.34
CA SER B 293 11.56 -10.83 3.83
C SER B 293 11.86 -11.88 2.77
N ASP B 294 11.60 -11.56 1.50
CA ASP B 294 11.84 -12.51 0.43
C ASP B 294 13.33 -12.81 0.26
N LEU B 295 14.12 -11.77 -0.04
CA LEU B 295 15.55 -11.96 -0.27
C LEU B 295 16.19 -12.80 0.84
N VAL B 296 16.03 -12.38 2.09
CA VAL B 296 16.70 -13.06 3.20
C VAL B 296 16.21 -14.47 3.40
N SER B 297 15.21 -14.92 2.63
CA SER B 297 14.82 -16.32 2.69
C SER B 297 15.57 -17.14 1.65
N GLN B 298 15.45 -16.77 0.37
CA GLN B 298 16.18 -17.48 -0.68
C GLN B 298 17.67 -17.54 -0.35
N ASN B 299 18.31 -16.38 -0.21
CA ASN B 299 19.76 -16.33 -0.09
C ASN B 299 20.28 -17.03 1.15
N ILE B 300 19.39 -17.39 2.08
CA ILE B 300 19.81 -18.29 3.16
C ILE B 300 19.38 -19.71 2.84
N ASN B 301 18.46 -19.87 1.89
CA ASN B 301 18.13 -21.19 1.39
C ASN B 301 19.23 -21.74 0.48
N ILE B 302 19.99 -20.85 -0.17
CA ILE B 302 21.03 -21.29 -1.09
C ILE B 302 22.35 -21.52 -0.35
N PHE B 303 22.84 -20.49 0.35
CA PHE B 303 24.14 -20.62 1.00
C PHE B 303 24.21 -21.83 1.92
N LEU B 304 23.05 -22.38 2.31
CA LEU B 304 23.07 -23.60 3.10
C LEU B 304 23.10 -24.84 2.22
N ARG B 305 22.70 -24.72 0.95
CA ARG B 305 22.81 -25.84 0.03
C ARG B 305 24.21 -25.91 -0.57
N ASN B 306 24.80 -24.77 -0.90
CA ASN B 306 26.10 -24.75 -1.55
C ASN B 306 27.25 -24.86 -0.55
N THR B 307 26.95 -24.93 0.75
CA THR B 307 28.00 -25.21 1.72
C THR B 307 28.14 -26.70 2.01
N VAL B 308 27.25 -27.53 1.47
CA VAL B 308 27.38 -28.98 1.61
C VAL B 308 27.87 -29.60 0.31
N LYS B 309 27.34 -29.17 -0.83
CA LYS B 309 27.82 -29.68 -2.10
C LYS B 309 29.30 -29.36 -2.31
N VAL B 310 29.74 -28.20 -1.84
CA VAL B 310 31.14 -27.82 -1.99
C VAL B 310 32.03 -28.72 -1.15
N THR B 311 31.51 -29.21 -0.01
CA THR B 311 32.30 -30.11 0.81
C THR B 311 32.41 -31.48 0.19
N GLY B 312 31.27 -32.09 -0.18
CA GLY B 312 31.31 -33.39 -0.83
C GLY B 312 32.08 -33.39 -2.13
N VAL B 313 32.25 -32.22 -2.75
CA VAL B 313 32.98 -32.14 -4.01
C VAL B 313 34.40 -31.65 -3.79
N VAL B 314 34.70 -31.09 -2.61
CA VAL B 314 36.06 -30.63 -2.34
C VAL B 314 36.94 -31.79 -1.90
N VAL B 315 36.38 -32.74 -1.15
CA VAL B 315 37.20 -33.86 -0.67
C VAL B 315 37.69 -34.70 -1.83
N PHE B 316 36.90 -34.83 -2.90
CA PHE B 316 37.33 -35.61 -4.05
C PHE B 316 38.46 -34.90 -4.79
N MET B 317 38.39 -33.58 -4.90
CA MET B 317 39.44 -32.85 -5.60
C MET B 317 40.78 -32.92 -4.87
N PHE B 318 40.81 -33.49 -3.66
CA PHE B 318 42.07 -33.78 -3.00
C PHE B 318 42.52 -35.21 -3.26
N SER B 319 41.59 -36.18 -3.12
CA SER B 319 41.93 -37.56 -3.39
C SER B 319 42.52 -37.72 -4.79
N LEU B 320 42.06 -36.92 -5.75
CA LEU B 320 42.60 -36.99 -7.10
C LEU B 320 43.88 -36.17 -7.23
N SER B 321 44.00 -35.07 -6.49
CA SER B 321 45.18 -34.21 -6.59
C SER B 321 45.41 -33.54 -5.25
N TRP B 322 46.68 -33.48 -4.84
CA TRP B 322 47.06 -32.67 -3.68
C TRP B 322 47.58 -31.30 -4.13
N GLN B 323 48.08 -31.20 -5.35
CA GLN B 323 48.62 -29.95 -5.88
C GLN B 323 47.55 -29.14 -6.62
N LEU B 324 46.90 -29.76 -7.60
CA LEU B 324 45.99 -29.02 -8.47
C LEU B 324 44.89 -28.32 -7.67
N SER B 325 44.33 -28.99 -6.66
CA SER B 325 43.29 -28.36 -5.86
C SER B 325 43.73 -27.02 -5.32
N LEU B 326 44.97 -26.91 -4.82
CA LEU B 326 45.45 -25.66 -4.27
C LEU B 326 45.44 -24.52 -5.29
N VAL B 327 45.22 -24.82 -6.57
CA VAL B 327 45.09 -23.76 -7.55
C VAL B 327 43.62 -23.39 -7.74
N THR B 328 42.72 -24.37 -7.65
CA THR B 328 41.29 -24.08 -7.75
C THR B 328 40.87 -23.04 -6.71
N PHE B 329 41.44 -23.13 -5.51
CA PHE B 329 41.09 -22.23 -4.43
C PHE B 329 41.76 -20.87 -4.54
N MET B 330 42.47 -20.61 -5.63
CA MET B 330 43.03 -19.28 -5.85
C MET B 330 42.07 -18.36 -6.59
N GLY B 331 41.00 -18.91 -7.17
CA GLY B 331 40.00 -18.08 -7.80
C GLY B 331 38.97 -17.55 -6.82
N PHE B 332 38.63 -18.34 -5.79
CA PHE B 332 37.67 -17.89 -4.80
C PHE B 332 37.96 -16.49 -4.30
N PRO B 333 39.13 -16.19 -3.73
CA PRO B 333 39.41 -14.82 -3.31
C PRO B 333 39.28 -13.81 -4.44
N ILE B 334 39.23 -14.26 -5.69
CA ILE B 334 39.03 -13.33 -6.80
C ILE B 334 37.54 -13.20 -7.10
N ILE B 335 36.82 -14.32 -7.11
CA ILE B 335 35.39 -14.29 -7.39
C ILE B 335 34.60 -13.66 -6.25
N MET B 336 35.27 -13.25 -5.17
CA MET B 336 34.60 -12.50 -4.11
C MET B 336 34.92 -11.02 -4.17
N MET B 337 36.13 -10.65 -4.57
CA MET B 337 36.43 -9.24 -4.81
C MET B 337 35.48 -8.67 -5.87
N VAL B 338 34.97 -9.52 -6.76
CA VAL B 338 33.98 -9.07 -7.72
C VAL B 338 32.57 -9.19 -7.15
N SER B 339 32.25 -10.32 -6.52
CA SER B 339 30.95 -10.46 -5.88
C SER B 339 30.76 -9.48 -4.73
N ASN B 340 31.78 -8.70 -4.39
CA ASN B 340 31.63 -7.65 -3.39
C ASN B 340 31.45 -6.29 -4.04
N ILE B 341 32.10 -6.06 -5.18
CA ILE B 341 31.99 -4.76 -5.84
C ILE B 341 30.57 -4.53 -6.33
N TYR B 342 29.83 -5.60 -6.59
CA TYR B 342 28.43 -5.45 -6.98
C TYR B 342 27.51 -5.45 -5.77
N GLY B 343 27.82 -6.25 -4.76
CA GLY B 343 27.05 -6.18 -3.53
C GLY B 343 27.03 -4.78 -2.95
N LYS B 344 28.12 -4.04 -3.11
CA LYS B 344 28.21 -2.67 -2.62
C LYS B 344 27.63 -1.66 -3.59
N TYR B 345 27.42 -2.03 -4.85
CA TYR B 345 26.71 -1.19 -5.80
C TYR B 345 25.27 -1.61 -5.98
N TYR B 346 24.94 -2.88 -5.72
CA TYR B 346 23.56 -3.34 -5.79
C TYR B 346 22.74 -2.87 -4.60
N LYS B 347 23.38 -2.38 -3.55
CA LYS B 347 22.66 -1.81 -2.42
C LYS B 347 22.23 -0.38 -2.73
N ARG B 348 23.19 0.48 -3.09
CA ARG B 348 22.88 1.84 -3.49
C ARG B 348 21.77 1.92 -4.53
N LEU B 349 21.57 0.86 -5.30
CA LEU B 349 20.53 0.86 -6.31
C LEU B 349 19.20 0.36 -5.78
N SER B 350 19.19 -0.81 -5.13
CA SER B 350 17.93 -1.34 -4.65
C SER B 350 17.32 -0.51 -3.54
N LYS B 351 17.96 0.60 -3.15
CA LYS B 351 17.32 1.54 -2.25
C LYS B 351 16.66 2.69 -3.02
N GLU B 352 17.21 3.02 -4.19
CA GLU B 352 16.60 4.01 -5.06
C GLU B 352 15.54 3.42 -5.97
N VAL B 353 15.15 2.17 -5.74
CA VAL B 353 14.01 1.57 -6.42
C VAL B 353 12.83 1.41 -5.48
N GLN B 354 13.10 1.09 -4.21
CA GLN B 354 12.04 1.08 -3.21
C GLN B 354 11.59 2.49 -2.90
N SER B 355 12.48 3.47 -3.07
CA SER B 355 12.08 4.86 -2.89
C SER B 355 11.28 5.36 -4.09
N ALA B 356 11.86 5.29 -5.28
CA ALA B 356 11.15 5.75 -6.47
C ALA B 356 9.90 4.92 -6.74
N LEU B 357 9.68 3.88 -5.93
CA LEU B 357 8.45 3.10 -6.07
C LEU B 357 7.41 3.54 -5.06
N ALA B 358 7.84 4.17 -3.96
CA ALA B 358 6.89 4.77 -3.03
C ALA B 358 6.31 6.05 -3.59
N ARG B 359 7.17 6.94 -4.08
CA ARG B 359 6.68 8.17 -4.70
C ARG B 359 5.65 7.89 -5.79
N ALA B 360 5.64 6.66 -6.31
CA ALA B 360 4.63 6.29 -7.29
C ALA B 360 3.40 5.72 -6.60
N SER B 361 3.50 5.44 -5.31
CA SER B 361 2.35 4.96 -4.55
C SER B 361 1.81 5.98 -3.58
N THR B 362 2.23 7.24 -3.68
CA THR B 362 1.57 8.35 -3.01
C THR B 362 0.70 9.14 -3.96
N THR B 363 0.84 8.92 -5.26
CA THR B 363 -0.06 9.49 -6.24
C THR B 363 -1.22 8.54 -6.57
N ALA B 364 -1.12 7.28 -6.17
CA ALA B 364 -2.22 6.34 -6.32
C ALA B 364 -3.08 6.25 -5.07
N GLU B 365 -2.62 6.79 -3.95
CA GLU B 365 -3.41 6.87 -2.73
C GLU B 365 -4.04 8.24 -2.55
N GLU B 366 -3.36 9.29 -2.99
CA GLU B 366 -3.93 10.62 -2.92
C GLU B 366 -5.01 10.82 -3.97
N THR B 367 -5.04 9.98 -5.00
CA THR B 367 -6.02 10.13 -6.06
C THR B 367 -7.21 9.21 -5.85
N ILE B 368 -7.06 8.16 -5.04
CA ILE B 368 -8.17 7.26 -4.79
C ILE B 368 -8.95 7.69 -3.56
N SER B 369 -8.25 8.19 -2.53
CA SER B 369 -8.93 8.63 -1.32
C SER B 369 -9.72 9.91 -1.55
N ALA B 370 -9.40 10.66 -2.61
CA ALA B 370 -10.10 11.91 -2.91
C ALA B 370 -10.74 11.82 -4.28
N MET B 371 -11.41 10.71 -4.57
CA MET B 371 -11.94 10.51 -5.92
C MET B 371 -13.18 11.35 -6.18
N LYS B 372 -13.86 11.81 -5.13
CA LYS B 372 -15.05 12.63 -5.34
C LYS B 372 -14.70 14.09 -5.59
N THR B 373 -13.46 14.50 -5.30
CA THR B 373 -13.01 15.86 -5.60
C THR B 373 -12.02 15.91 -6.74
N VAL B 374 -11.46 14.77 -7.16
CA VAL B 374 -10.67 14.70 -8.38
C VAL B 374 -11.53 14.42 -9.60
N ARG B 375 -12.82 14.18 -9.40
CA ARG B 375 -13.76 14.00 -10.50
C ARG B 375 -14.64 15.21 -10.73
N SER B 376 -15.00 15.95 -9.69
CA SER B 376 -15.71 17.20 -9.89
C SER B 376 -14.98 18.09 -10.88
N PHE B 377 -13.66 18.01 -10.92
CA PHE B 377 -12.86 18.47 -12.04
C PHE B 377 -12.56 17.27 -12.94
N ALA B 378 -12.57 17.49 -14.25
CA ALA B 378 -12.60 16.39 -15.18
C ALA B 378 -11.25 15.69 -15.35
N ASN B 379 -10.23 16.04 -14.57
CA ASN B 379 -8.92 15.41 -14.79
C ASN B 379 -8.77 14.14 -13.97
N GLU B 380 -9.72 13.22 -14.10
CA GLU B 380 -9.56 11.92 -13.50
C GLU B 380 -8.80 10.96 -14.41
N GLU B 381 -8.83 11.20 -15.72
CA GLU B 381 -8.04 10.41 -16.65
C GLU B 381 -6.70 11.05 -16.98
N GLU B 382 -6.44 12.25 -16.49
CA GLU B 382 -5.12 12.85 -16.59
C GLU B 382 -4.29 12.64 -15.33
N GLU B 383 -4.94 12.34 -14.20
CA GLU B 383 -4.23 11.90 -13.01
C GLU B 383 -3.81 10.45 -13.11
N ALA B 384 -4.19 9.76 -14.19
CA ALA B 384 -3.69 8.43 -14.48
C ALA B 384 -2.50 8.45 -15.42
N GLU B 385 -2.15 9.62 -15.95
CA GLU B 385 -0.92 9.81 -16.70
C GLU B 385 0.14 10.53 -15.90
N VAL B 386 -0.17 10.94 -14.68
CA VAL B 386 0.86 11.35 -13.74
C VAL B 386 1.31 10.17 -12.91
N PHE B 387 0.50 9.11 -12.85
CA PHE B 387 0.93 7.86 -12.24
C PHE B 387 1.87 7.10 -13.15
N LEU B 388 1.51 6.96 -14.43
CA LEU B 388 2.39 6.32 -15.40
C LEU B 388 3.78 6.93 -15.36
N ARG B 389 3.87 8.24 -15.57
CA ARG B 389 5.16 8.92 -15.62
C ARG B 389 5.89 8.82 -14.29
N LYS B 390 5.24 8.23 -13.28
CA LYS B 390 5.90 7.90 -12.03
C LYS B 390 6.44 6.49 -12.00
N LEU B 391 5.91 5.60 -12.86
CA LEU B 391 6.47 4.27 -12.99
C LEU B 391 7.67 4.26 -13.93
N GLN B 392 7.55 4.94 -15.08
CA GLN B 392 8.65 4.96 -16.03
C GLN B 392 9.95 5.43 -15.37
N GLN B 393 9.86 6.04 -14.19
CA GLN B 393 11.07 6.34 -13.44
C GLN B 393 11.47 5.20 -12.52
N VAL B 394 10.57 4.25 -12.26
CA VAL B 394 10.97 3.01 -11.62
C VAL B 394 11.34 1.95 -12.64
N TYR B 395 11.37 2.32 -13.92
CA TYR B 395 11.87 1.44 -14.97
C TYR B 395 13.34 1.72 -15.26
N LYS B 396 13.67 2.99 -15.52
CA LYS B 396 15.05 3.38 -15.72
C LYS B 396 15.93 2.86 -14.59
N LEU B 397 15.35 2.62 -13.42
CA LEU B 397 16.05 1.99 -12.32
C LEU B 397 16.00 0.47 -12.39
N ASN B 398 15.27 -0.10 -13.36
CA ASN B 398 15.23 -1.53 -13.55
C ASN B 398 16.02 -2.01 -14.76
N ARG B 399 16.12 -1.19 -15.81
CA ARG B 399 17.05 -1.51 -16.89
C ARG B 399 18.47 -1.12 -16.52
N LYS B 400 18.66 -0.55 -15.33
CA LYS B 400 20.00 -0.37 -14.78
C LYS B 400 20.34 -1.47 -13.80
N GLU B 401 19.32 -2.19 -13.32
CA GLU B 401 19.55 -3.31 -12.42
C GLU B 401 19.72 -4.60 -13.21
N ALA B 402 19.40 -4.57 -14.50
CA ALA B 402 19.68 -5.72 -15.36
C ALA B 402 21.10 -5.64 -15.90
N ALA B 403 21.47 -4.52 -16.52
CA ALA B 403 22.82 -4.36 -17.05
C ALA B 403 23.86 -4.57 -15.97
N ALA B 404 23.49 -4.41 -14.70
CA ALA B 404 24.43 -4.64 -13.60
C ALA B 404 24.33 -6.05 -13.06
N TYR B 405 23.46 -6.89 -13.61
CA TYR B 405 23.45 -8.31 -13.30
C TYR B 405 23.93 -9.16 -14.46
N MET B 406 23.70 -8.72 -15.69
CA MET B 406 24.36 -9.31 -16.84
C MET B 406 25.87 -9.11 -16.76
N SER B 407 26.29 -7.86 -16.57
CA SER B 407 27.71 -7.53 -16.48
C SER B 407 28.41 -8.29 -15.36
N TYR B 408 27.66 -8.82 -14.40
CA TYR B 408 28.27 -9.59 -13.34
C TYR B 408 28.57 -11.02 -13.78
N VAL B 409 27.57 -11.69 -14.35
CA VAL B 409 27.77 -13.07 -14.81
C VAL B 409 28.99 -13.16 -15.72
N TRP B 410 29.21 -12.13 -16.55
CA TRP B 410 30.41 -12.12 -17.37
C TRP B 410 31.66 -11.94 -16.51
N GLY B 411 31.58 -11.12 -15.47
CA GLY B 411 32.74 -10.89 -14.62
C GLY B 411 33.22 -12.16 -13.95
N SER B 412 32.30 -13.04 -13.56
CA SER B 412 32.70 -14.30 -12.94
C SER B 412 33.07 -15.33 -14.01
N GLY B 413 32.15 -15.60 -14.93
CA GLY B 413 32.39 -16.54 -16.00
C GLY B 413 33.78 -16.44 -16.60
N LEU B 414 34.24 -15.21 -16.84
CA LEU B 414 35.60 -15.02 -17.31
C LEU B 414 36.61 -15.53 -16.28
N THR B 415 36.43 -15.15 -15.02
CA THR B 415 37.36 -15.59 -13.98
C THR B 415 37.35 -17.11 -13.85
N LEU B 416 36.16 -17.72 -13.82
CA LEU B 416 36.09 -19.17 -13.74
C LEU B 416 36.66 -19.83 -14.99
N LEU B 417 36.92 -19.03 -16.03
CA LEU B 417 37.59 -19.57 -17.21
C LEU B 417 39.10 -19.64 -16.98
N VAL B 418 39.72 -18.51 -16.63
CA VAL B 418 41.15 -18.51 -16.36
C VAL B 418 41.53 -19.66 -15.44
N VAL B 419 40.83 -19.80 -14.31
CA VAL B 419 41.09 -20.93 -13.42
C VAL B 419 40.82 -22.24 -14.14
N GLN B 420 39.98 -22.22 -15.17
CA GLN B 420 39.70 -23.44 -15.91
C GLN B 420 40.77 -23.73 -16.95
N VAL B 421 41.50 -22.71 -17.39
CA VAL B 421 42.60 -22.91 -18.32
C VAL B 421 43.89 -23.21 -17.56
N SER B 422 44.29 -22.31 -16.66
CA SER B 422 45.50 -22.51 -15.88
C SER B 422 45.55 -23.90 -15.27
N ILE B 423 44.39 -24.47 -14.94
CA ILE B 423 44.38 -25.84 -14.41
C ILE B 423 44.75 -26.83 -15.50
N LEU B 424 44.58 -26.45 -16.77
CA LEU B 424 44.95 -27.35 -17.86
C LEU B 424 46.45 -27.43 -18.03
N TYR B 425 47.09 -26.29 -18.31
CA TYR B 425 48.53 -26.28 -18.55
C TYR B 425 49.28 -26.90 -17.37
N TYR B 426 49.13 -26.34 -16.18
CA TYR B 426 49.72 -26.98 -15.01
C TYR B 426 49.22 -28.41 -14.86
N GLY B 427 48.05 -28.71 -15.40
CA GLY B 427 47.57 -30.08 -15.45
C GLY B 427 48.27 -30.93 -16.48
N GLY B 428 49.08 -30.31 -17.34
CA GLY B 428 49.83 -31.09 -18.32
C GLY B 428 51.13 -31.62 -17.76
N HIS B 429 51.95 -30.72 -17.18
CA HIS B 429 53.20 -31.16 -16.56
C HIS B 429 52.99 -32.40 -15.71
N LEU B 430 51.88 -32.46 -15.01
CA LEU B 430 51.74 -33.63 -14.14
C LEU B 430 51.37 -34.83 -14.98
N VAL B 431 50.50 -34.65 -15.95
CA VAL B 431 49.93 -35.80 -16.64
C VAL B 431 51.01 -36.59 -17.37
N ILE B 432 52.08 -35.93 -17.81
CA ILE B 432 53.14 -36.64 -18.52
C ILE B 432 54.13 -37.25 -17.55
N SER B 433 54.53 -36.50 -16.52
CA SER B 433 55.54 -36.97 -15.58
C SER B 433 54.94 -37.63 -14.34
N GLY B 434 54.14 -36.88 -13.59
CA GLY B 434 53.67 -37.35 -12.30
C GLY B 434 52.27 -37.95 -12.26
N GLN B 435 51.28 -37.14 -12.59
CA GLN B 435 49.89 -37.64 -12.46
C GLN B 435 49.54 -38.47 -13.68
N MET B 436 48.56 -39.36 -13.54
CA MET B 436 47.96 -40.16 -14.60
C MET B 436 47.17 -39.27 -15.56
N SER B 437 46.89 -39.81 -16.74
CA SER B 437 46.06 -39.08 -17.69
C SER B 437 44.58 -39.27 -17.41
N SER B 438 44.21 -40.36 -16.76
CA SER B 438 42.81 -40.59 -16.42
C SER B 438 42.37 -39.70 -15.27
N GLY B 439 43.29 -39.37 -14.35
CA GLY B 439 42.94 -38.48 -13.26
C GLY B 439 42.82 -37.03 -13.69
N ASN B 440 43.78 -36.55 -14.47
CA ASN B 440 43.76 -35.16 -14.92
C ASN B 440 42.53 -34.83 -15.76
N LEU B 441 41.74 -35.84 -16.14
CA LEU B 441 40.52 -35.60 -16.88
C LEU B 441 39.30 -35.59 -15.95
N ILE B 442 39.31 -36.43 -14.92
CA ILE B 442 38.19 -36.47 -13.99
C ILE B 442 38.26 -35.31 -13.02
N ALA B 443 39.47 -34.83 -12.70
CA ALA B 443 39.60 -33.66 -11.83
C ALA B 443 39.05 -32.41 -12.50
N PHE B 444 38.56 -32.54 -13.73
CA PHE B 444 37.86 -31.42 -14.37
C PHE B 444 36.36 -31.53 -14.17
N ILE B 445 35.78 -32.69 -14.49
CA ILE B 445 34.34 -32.88 -14.28
C ILE B 445 33.95 -32.48 -12.87
N ILE B 446 34.64 -33.05 -11.87
CA ILE B 446 34.42 -32.63 -10.49
C ILE B 446 34.87 -31.19 -10.30
N TYR B 447 35.57 -30.62 -11.27
CA TYR B 447 36.02 -29.24 -11.15
C TYR B 447 35.00 -28.26 -11.72
N GLU B 448 34.19 -28.69 -12.70
CA GLU B 448 33.16 -27.82 -13.23
C GLU B 448 32.12 -27.44 -12.19
N PHE B 449 32.02 -28.21 -11.10
CA PHE B 449 31.04 -27.92 -10.07
C PHE B 449 31.48 -26.77 -9.17
N VAL B 450 32.70 -26.83 -8.64
CA VAL B 450 33.20 -25.76 -7.80
C VAL B 450 33.08 -24.41 -8.49
N LEU B 451 32.99 -24.41 -9.82
CA LEU B 451 32.72 -23.16 -10.52
C LEU B 451 31.23 -22.83 -10.50
N GLY B 452 30.38 -23.83 -10.74
CA GLY B 452 28.95 -23.63 -10.58
C GLY B 452 28.54 -23.38 -9.13
N ASP B 453 29.50 -23.43 -8.21
CA ASP B 453 29.26 -23.15 -6.80
C ASP B 453 30.02 -21.92 -6.32
N CYS B 454 31.32 -21.84 -6.59
CA CYS B 454 32.07 -20.65 -6.21
C CYS B 454 31.45 -19.38 -6.75
N MET B 455 30.66 -19.48 -7.81
CA MET B 455 29.94 -18.34 -8.34
C MET B 455 28.55 -18.17 -7.73
N GLU B 456 27.92 -19.26 -7.31
CA GLU B 456 26.62 -19.20 -6.66
C GLU B 456 26.75 -19.05 -5.14
N SER B 457 27.42 -20.01 -4.51
CA SER B 457 27.49 -20.04 -3.05
C SER B 457 27.87 -18.68 -2.47
N VAL B 458 28.79 -17.98 -3.13
CA VAL B 458 29.27 -16.70 -2.62
C VAL B 458 29.25 -15.62 -3.69
N GLY B 459 28.61 -15.88 -4.82
CA GLY B 459 28.44 -14.85 -5.83
C GLY B 459 27.13 -14.12 -5.65
N SER B 460 26.05 -14.88 -5.56
CA SER B 460 24.73 -14.31 -5.32
C SER B 460 24.40 -14.19 -3.84
N VAL B 461 24.72 -15.22 -3.05
CA VAL B 461 24.36 -15.20 -1.63
C VAL B 461 24.92 -13.98 -0.93
N TYR B 462 25.93 -13.34 -1.52
CA TYR B 462 26.44 -12.11 -0.94
C TYR B 462 26.02 -10.87 -1.70
N SER B 463 25.40 -11.01 -2.87
CA SER B 463 24.77 -9.87 -3.52
C SER B 463 23.35 -9.67 -3.01
N GLY B 464 22.53 -10.72 -3.08
CA GLY B 464 21.22 -10.67 -2.45
C GLY B 464 21.27 -10.09 -1.05
N LEU B 465 22.04 -10.72 -0.17
CA LEU B 465 22.17 -10.21 1.20
C LEU B 465 22.59 -8.76 1.22
N MET B 466 23.11 -8.23 0.11
CA MET B 466 23.41 -6.82 0.01
C MET B 466 22.37 -6.06 -0.78
N GLN B 467 21.44 -6.76 -1.43
CA GLN B 467 20.27 -6.12 -2.00
C GLN B 467 19.12 -6.07 -1.00
N GLY B 468 19.04 -7.05 -0.11
CA GLY B 468 18.09 -6.95 1.00
C GLY B 468 18.41 -5.77 1.88
N VAL B 469 19.64 -5.70 2.39
CA VAL B 469 20.04 -4.57 3.25
C VAL B 469 19.80 -3.24 2.54
N GLY B 470 19.66 -3.26 1.22
CA GLY B 470 19.31 -2.04 0.52
C GLY B 470 17.83 -1.73 0.60
N ALA B 471 16.99 -2.72 0.29
CA ALA B 471 15.55 -2.51 0.37
C ALA B 471 15.13 -2.11 1.78
N ALA B 472 15.74 -2.72 2.80
CA ALA B 472 15.40 -2.44 4.19
C ALA B 472 16.25 -1.33 4.78
N GLU B 473 16.75 -0.41 3.96
CA GLU B 473 17.56 0.67 4.51
C GLU B 473 16.69 1.72 5.20
N LYS B 474 15.45 1.90 4.73
CA LYS B 474 14.55 2.82 5.39
C LYS B 474 13.71 2.14 6.46
N VAL B 475 13.22 0.93 6.19
CA VAL B 475 12.42 0.22 7.19
C VAL B 475 13.20 0.05 8.48
N PHE B 476 14.53 0.01 8.40
CA PHE B 476 15.36 -0.07 9.59
C PHE B 476 15.65 1.29 10.18
N GLU B 477 15.03 2.35 9.67
CA GLU B 477 15.16 3.68 10.23
C GLU B 477 13.92 4.14 10.97
N PHE B 478 12.74 3.71 10.51
CA PHE B 478 11.52 3.96 11.27
C PHE B 478 11.42 3.06 12.50
N ILE B 479 12.21 1.98 12.55
CA ILE B 479 12.20 1.10 13.71
C ILE B 479 13.14 1.60 14.78
N ASP B 480 14.13 2.42 14.40
CA ASP B 480 15.10 2.94 15.36
C ASP B 480 14.88 4.40 15.70
N ARG B 481 14.01 5.09 14.98
CA ARG B 481 13.79 6.50 15.24
C ARG B 481 13.25 6.70 16.65
N GLN B 482 13.79 7.70 17.34
CA GLN B 482 13.38 8.00 18.70
C GLN B 482 12.34 9.11 18.70
N PRO B 483 11.14 8.88 19.20
CA PRO B 483 10.13 9.95 19.20
C PRO B 483 10.64 11.17 19.94
N THR B 484 10.59 12.32 19.28
CA THR B 484 11.13 13.55 19.84
C THR B 484 10.20 14.19 20.86
N MET B 485 9.17 13.47 21.30
CA MET B 485 8.29 13.95 22.38
C MET B 485 7.81 12.71 23.12
N VAL B 486 8.49 12.39 24.22
CA VAL B 486 8.19 11.21 25.02
C VAL B 486 7.34 11.65 26.20
N HIS B 487 6.28 10.87 26.47
CA HIS B 487 5.34 11.18 27.53
C HIS B 487 5.51 10.17 28.66
N ASP B 488 5.97 10.64 29.81
CA ASP B 488 6.21 9.79 30.96
C ASP B 488 5.66 10.50 32.20
N GLY B 489 4.56 9.97 32.72
CA GLY B 489 3.94 10.53 33.92
C GLY B 489 2.74 9.71 34.33
N SER B 490 2.57 9.49 35.63
CA SER B 490 1.50 8.65 36.15
C SER B 490 0.80 9.34 37.30
N LEU B 491 0.42 10.60 37.10
CA LEU B 491 -0.24 11.38 38.14
C LEU B 491 -1.75 11.22 38.12
N ALA B 492 -2.26 10.11 37.56
CA ALA B 492 -3.69 9.91 37.43
C ALA B 492 -4.39 10.03 38.77
N PRO B 493 -5.15 11.09 39.00
CA PRO B 493 -5.90 11.23 40.25
C PRO B 493 -7.28 10.61 40.15
N ASP B 494 -8.05 10.67 41.24
CA ASP B 494 -9.39 10.11 41.27
C ASP B 494 -10.49 11.16 41.42
N HIS B 495 -10.14 12.41 41.75
CA HIS B 495 -11.11 13.48 41.87
C HIS B 495 -10.54 14.71 41.19
N LEU B 496 -10.95 14.97 39.95
CA LEU B 496 -10.44 16.08 39.16
C LEU B 496 -11.46 17.22 39.18
N GLU B 497 -10.96 18.44 39.37
CA GLU B 497 -11.85 19.60 39.36
C GLU B 497 -12.20 20.02 37.95
N GLY B 498 -11.18 20.28 37.12
CA GLY B 498 -11.42 20.68 35.75
C GLY B 498 -11.02 22.11 35.48
N ARG B 499 -9.99 22.59 36.17
CA ARG B 499 -9.53 23.96 36.04
C ARG B 499 -8.30 24.01 35.14
N VAL B 500 -8.46 24.55 33.94
CA VAL B 500 -7.38 24.66 32.97
C VAL B 500 -6.81 26.07 33.03
N ASP B 501 -5.53 26.20 32.69
CA ASP B 501 -4.85 27.49 32.74
C ASP B 501 -3.74 27.53 31.70
N PHE B 502 -3.65 28.64 31.01
CA PHE B 502 -2.52 28.93 30.11
C PHE B 502 -1.67 30.00 30.76
N GLU B 503 -0.41 29.68 31.05
CA GLU B 503 0.49 30.59 31.76
C GLU B 503 1.58 31.05 30.80
N ASN B 504 1.35 32.19 30.15
CA ASN B 504 2.35 32.82 29.29
C ASN B 504 2.86 31.84 28.23
N VAL B 505 1.94 31.37 27.40
CA VAL B 505 2.27 30.39 26.38
C VAL B 505 2.96 31.07 25.21
N THR B 506 3.72 30.28 24.46
CA THR B 506 4.37 30.73 23.24
C THR B 506 4.62 29.51 22.38
N PHE B 507 4.20 29.57 21.12
CA PHE B 507 4.11 28.37 20.29
C PHE B 507 4.53 28.68 18.87
N THR B 508 5.04 27.65 18.20
CA THR B 508 5.42 27.76 16.79
C THR B 508 5.63 26.35 16.24
N TYR B 509 5.01 26.08 15.10
CA TYR B 509 5.03 24.73 14.56
C TYR B 509 6.42 24.39 14.04
N ARG B 510 6.65 23.09 13.83
CA ARG B 510 7.96 22.61 13.38
C ARG B 510 8.09 22.57 11.87
N THR B 511 7.01 22.72 11.12
CA THR B 511 7.06 22.71 9.67
C THR B 511 7.02 24.12 9.08
N ARG B 512 7.10 25.14 9.92
CA ARG B 512 7.10 26.53 9.48
C ARG B 512 7.67 27.37 10.61
N PRO B 513 8.94 27.20 10.94
CA PRO B 513 9.45 27.70 12.23
C PRO B 513 9.81 29.18 12.23
N HIS B 514 9.36 29.92 11.22
CA HIS B 514 9.66 31.34 11.14
C HIS B 514 8.47 32.23 11.51
N THR B 515 7.32 31.64 11.82
CA THR B 515 6.14 32.38 12.24
C THR B 515 5.68 31.87 13.60
N GLN B 516 5.44 32.78 14.52
CA GLN B 516 4.97 32.44 15.86
C GLN B 516 3.44 32.47 15.88
N VAL B 517 2.83 31.33 16.20
CA VAL B 517 1.37 31.24 16.18
C VAL B 517 0.78 31.92 17.40
N LEU B 518 1.10 31.42 18.59
CA LEU B 518 0.69 32.05 19.84
C LEU B 518 1.82 32.88 20.39
N GLN B 519 1.47 33.86 21.23
CA GLN B 519 2.47 34.75 21.81
C GLN B 519 1.96 35.25 23.14
N ASN B 520 2.58 34.79 24.23
CA ASN B 520 2.26 35.26 25.58
C ASN B 520 0.77 35.12 25.90
N VAL B 521 0.10 34.17 25.26
CA VAL B 521 -1.31 33.93 25.58
C VAL B 521 -1.41 33.52 27.03
N SER B 522 -2.46 34.00 27.71
CA SER B 522 -2.64 33.72 29.13
C SER B 522 -4.11 33.88 29.47
N PHE B 523 -4.76 32.78 29.85
CA PHE B 523 -6.13 32.80 30.32
C PHE B 523 -6.40 31.49 31.03
N SER B 524 -7.63 31.32 31.51
CA SER B 524 -7.97 30.14 32.29
C SER B 524 -9.46 29.86 32.17
N LEU B 525 -9.82 28.60 32.40
CA LEU B 525 -11.20 28.15 32.35
C LEU B 525 -11.67 27.87 33.78
N SER B 526 -12.86 28.35 34.12
CA SER B 526 -13.26 28.09 35.49
C SER B 526 -14.09 26.81 35.57
N PRO B 527 -13.92 26.03 36.64
CA PRO B 527 -14.59 24.72 36.72
C PRO B 527 -16.11 24.88 36.77
N GLY B 528 -16.77 24.42 35.72
CA GLY B 528 -18.21 24.45 35.65
C GLY B 528 -18.81 25.60 34.88
N LYS B 529 -18.10 26.18 33.92
CA LYS B 529 -18.58 27.33 33.18
C LYS B 529 -18.17 27.22 31.73
N VAL B 530 -19.02 27.76 30.85
CA VAL B 530 -18.86 27.62 29.41
C VAL B 530 -18.01 28.79 28.93
N THR B 531 -16.70 28.64 29.00
CA THR B 531 -15.78 29.67 28.52
C THR B 531 -15.63 29.59 27.01
N ALA B 532 -16.16 30.58 26.30
CA ALA B 532 -16.05 30.60 24.85
C ALA B 532 -14.65 31.08 24.44
N LEU B 533 -14.43 31.11 23.13
CA LEU B 533 -13.15 31.56 22.57
C LEU B 533 -13.37 31.90 21.11
N VAL B 534 -13.15 33.16 20.74
CA VAL B 534 -13.46 33.63 19.40
C VAL B 534 -12.25 34.36 18.82
N GLY B 535 -12.30 34.61 17.52
CA GLY B 535 -11.23 35.27 16.81
C GLY B 535 -11.51 35.42 15.33
N PRO B 536 -10.64 36.14 14.62
CA PRO B 536 -10.88 36.45 13.20
C PRO B 536 -10.33 35.41 12.22
N SER B 537 -10.70 34.15 12.42
CA SER B 537 -10.57 33.07 11.44
C SER B 537 -9.14 32.72 11.06
N GLY B 538 -8.15 33.48 11.50
CA GLY B 538 -6.77 33.14 11.17
C GLY B 538 -5.85 33.20 12.37
N SER B 539 -6.37 33.69 13.49
CA SER B 539 -5.61 33.70 14.73
C SER B 539 -5.41 32.28 15.22
N GLY B 540 -4.70 32.14 16.34
CA GLY B 540 -4.51 30.81 16.88
C GLY B 540 -5.62 30.41 17.82
N LYS B 541 -6.59 29.67 17.31
CA LYS B 541 -7.70 29.16 18.12
C LYS B 541 -7.65 27.65 18.27
N SER B 542 -7.58 26.91 17.17
CA SER B 542 -7.36 25.47 17.26
C SER B 542 -6.00 25.18 17.87
N SER B 543 -4.98 25.94 17.51
CA SER B 543 -3.66 25.78 18.12
C SER B 543 -3.71 25.91 19.64
N CYS B 544 -4.79 26.44 20.19
CA CYS B 544 -5.01 26.38 21.63
C CYS B 544 -5.67 25.07 22.04
N VAL B 545 -5.96 24.19 21.08
CA VAL B 545 -6.46 22.86 21.36
C VAL B 545 -5.43 21.79 21.02
N ASN B 546 -4.64 22.01 19.97
CA ASN B 546 -3.50 21.13 19.69
C ASN B 546 -2.40 21.26 20.72
N ILE B 547 -2.56 22.12 21.71
CA ILE B 547 -1.63 22.24 22.82
C ILE B 547 -2.24 21.71 24.10
N LEU B 548 -3.50 22.08 24.37
CA LEU B 548 -4.17 21.60 25.57
C LEU B 548 -4.20 20.09 25.64
N GLU B 549 -4.15 19.42 24.49
CA GLU B 549 -4.18 17.97 24.44
C GLU B 549 -2.80 17.36 24.24
N ASN B 550 -1.75 18.15 24.43
CA ASN B 550 -0.38 17.64 24.37
C ASN B 550 -0.09 16.95 23.05
N PHE B 551 -0.37 17.65 21.96
CA PHE B 551 0.05 17.19 20.64
C PHE B 551 1.44 17.70 20.28
N TYR B 552 1.72 18.96 20.59
CA TYR B 552 2.95 19.62 20.23
C TYR B 552 3.60 20.21 21.47
N PRO B 553 4.90 20.46 21.42
CA PRO B 553 5.59 21.06 22.58
C PRO B 553 5.64 22.59 22.46
N LEU B 554 5.84 23.21 23.62
CA LEU B 554 5.87 24.65 23.72
C LEU B 554 7.31 25.18 23.67
N GLN B 555 7.45 26.43 23.22
CA GLN B 555 8.74 27.08 23.26
C GLN B 555 8.96 27.77 24.60
N GLY B 556 7.93 28.40 25.14
CA GLY B 556 8.01 29.03 26.44
C GLY B 556 6.65 29.17 27.09
N GLY B 557 6.53 28.71 28.32
CA GLY B 557 5.26 28.68 29.03
C GLY B 557 4.86 27.27 29.40
N ARG B 558 3.70 27.17 30.03
CA ARG B 558 3.20 25.89 30.48
C ARG B 558 1.68 25.93 30.56
N VAL B 559 1.04 24.82 30.17
CA VAL B 559 -0.40 24.64 30.29
C VAL B 559 -0.65 23.82 31.54
N LEU B 560 -1.52 24.30 32.42
CA LEU B 560 -1.82 23.63 33.66
C LEU B 560 -3.23 23.04 33.63
N LEU B 561 -3.38 21.89 34.25
CA LEU B 561 -4.68 21.23 34.41
C LEU B 561 -4.85 20.89 35.89
N ASP B 562 -5.50 21.79 36.63
CA ASP B 562 -5.75 21.59 38.06
C ASP B 562 -4.48 21.77 38.88
N GLY B 563 -3.54 22.58 38.39
CA GLY B 563 -2.35 22.92 39.13
C GLY B 563 -1.09 22.22 38.69
N LYS B 564 -1.20 21.09 37.99
CA LYS B 564 -0.04 20.35 37.53
C LYS B 564 0.04 20.38 36.01
N PRO B 565 1.22 20.67 35.45
CA PRO B 565 1.34 20.71 33.99
C PRO B 565 0.86 19.41 33.37
N ILE B 566 0.19 19.53 32.22
CA ILE B 566 -0.40 18.37 31.58
C ILE B 566 0.65 17.32 31.26
N GLY B 567 1.90 17.73 31.07
CA GLY B 567 2.96 16.76 30.80
C GLY B 567 3.13 15.73 31.88
N ALA B 568 2.58 15.97 33.07
CA ALA B 568 2.77 15.08 34.21
C ALA B 568 1.61 14.13 34.45
N TYR B 569 0.67 14.03 33.52
CA TYR B 569 -0.46 13.11 33.67
C TYR B 569 -0.26 11.86 32.84
N ASP B 570 -0.99 10.81 33.20
CA ASP B 570 -0.88 9.54 32.49
C ASP B 570 -1.47 9.68 31.09
N HIS B 571 -0.63 9.50 30.07
CA HIS B 571 -1.05 9.77 28.71
C HIS B 571 -2.34 9.05 28.34
N LYS B 572 -2.63 7.92 28.98
CA LYS B 572 -3.86 7.20 28.69
C LYS B 572 -5.01 7.63 29.59
N TYR B 573 -4.73 8.43 30.62
CA TYR B 573 -5.76 8.97 31.49
C TYR B 573 -6.12 10.41 31.15
N LEU B 574 -5.13 11.23 30.79
CA LEU B 574 -5.39 12.60 30.42
C LEU B 574 -6.41 12.67 29.28
N HIS B 575 -6.31 11.76 28.32
CA HIS B 575 -7.19 11.76 27.16
C HIS B 575 -8.52 11.06 27.43
N ARG B 576 -8.77 10.65 28.67
CA ARG B 576 -10.09 10.15 29.07
C ARG B 576 -10.81 11.14 29.97
N VAL B 577 -10.17 12.25 30.33
CA VAL B 577 -10.78 13.33 31.07
C VAL B 577 -10.80 14.63 30.29
N ILE B 578 -10.35 14.62 29.05
CA ILE B 578 -10.40 15.79 28.16
C ILE B 578 -10.90 15.29 26.82
N SER B 579 -12.19 15.42 26.57
CA SER B 579 -12.74 15.05 25.28
C SER B 579 -12.53 16.17 24.29
N LEU B 580 -12.79 15.87 23.01
CA LEU B 580 -12.54 16.83 21.95
C LEU B 580 -13.45 16.54 20.77
N VAL B 581 -13.87 17.60 20.10
CA VAL B 581 -14.63 17.51 18.85
C VAL B 581 -13.84 18.32 17.82
N SER B 582 -12.95 17.66 17.08
CA SER B 582 -12.07 18.36 16.18
C SER B 582 -12.87 19.18 15.18
N GLN B 583 -12.17 20.07 14.48
CA GLN B 583 -12.87 21.03 13.63
C GLN B 583 -13.62 20.33 12.52
N GLU B 584 -12.94 19.46 11.77
CA GLU B 584 -13.58 18.61 10.77
C GLU B 584 -13.66 17.19 11.31
N PRO B 585 -14.75 16.80 11.97
CA PRO B 585 -14.78 15.48 12.62
C PRO B 585 -14.51 14.38 11.61
N VAL B 586 -13.78 13.36 12.06
CA VAL B 586 -13.41 12.22 11.24
C VAL B 586 -13.93 10.97 11.90
N LEU B 587 -14.91 10.32 11.27
CA LEU B 587 -15.44 9.05 11.75
C LEU B 587 -14.71 7.91 11.05
N PHE B 588 -14.91 6.71 11.59
CA PHE B 588 -14.28 5.51 11.05
C PHE B 588 -15.31 4.64 10.35
N ALA B 589 -14.82 3.73 9.51
CA ALA B 589 -15.68 2.86 8.71
C ALA B 589 -16.12 1.66 9.55
N ARG B 590 -17.08 1.90 10.43
CA ARG B 590 -17.66 0.86 11.26
C ARG B 590 -19.14 1.14 11.42
N SER B 591 -19.77 0.44 12.36
CA SER B 591 -21.15 0.75 12.69
C SER B 591 -21.20 2.07 13.45
N ILE B 592 -22.41 2.46 13.86
CA ILE B 592 -22.54 3.66 14.68
C ILE B 592 -22.37 3.32 16.15
N THR B 593 -23.09 2.30 16.64
CA THR B 593 -22.92 1.88 18.02
C THR B 593 -21.48 1.47 18.32
N ASP B 594 -20.68 1.20 17.30
CA ASP B 594 -19.26 0.92 17.47
C ASP B 594 -18.40 2.12 17.12
N ASN B 595 -19.02 3.27 16.87
CA ASN B 595 -18.30 4.51 16.62
C ASN B 595 -18.56 5.58 17.67
N ILE B 596 -19.67 5.48 18.41
CA ILE B 596 -19.91 6.36 19.56
C ILE B 596 -19.22 5.85 20.82
N SER B 597 -18.58 4.68 20.75
CA SER B 597 -17.85 4.08 21.86
C SER B 597 -16.48 3.66 21.40
N TYR B 598 -15.78 4.56 20.72
CA TYR B 598 -14.55 4.21 20.03
C TYR B 598 -13.46 3.81 21.02
N GLY B 599 -13.06 4.74 21.88
CA GLY B 599 -11.93 4.47 22.76
C GLY B 599 -12.23 3.62 23.97
N LEU B 600 -13.50 3.31 24.22
CA LEU B 600 -13.87 2.61 25.44
C LEU B 600 -13.98 1.11 25.21
N PRO B 601 -13.63 0.32 26.22
CA PRO B 601 -13.83 -1.13 26.14
C PRO B 601 -15.25 -1.52 26.52
N THR B 602 -16.02 -1.96 25.52
CA THR B 602 -17.32 -2.59 25.75
C THR B 602 -18.23 -1.81 26.71
N VAL B 603 -18.63 -0.61 26.31
CA VAL B 603 -19.60 0.13 27.12
C VAL B 603 -21.00 -0.43 26.86
N PRO B 604 -21.85 -0.55 27.88
CA PRO B 604 -23.15 -1.19 27.66
C PRO B 604 -24.02 -0.39 26.71
N PHE B 605 -24.76 -1.11 25.86
CA PHE B 605 -25.57 -0.45 24.83
C PHE B 605 -26.57 0.52 25.42
N GLU B 606 -26.82 0.47 26.73
CA GLU B 606 -27.73 1.44 27.33
C GLU B 606 -27.12 2.83 27.36
N MET B 607 -25.87 2.93 27.81
CA MET B 607 -25.22 4.24 27.92
C MET B 607 -24.92 4.86 26.56
N VAL B 608 -24.97 4.07 25.48
CA VAL B 608 -24.74 4.64 24.15
C VAL B 608 -25.97 5.39 23.68
N VAL B 609 -27.16 4.97 24.11
CA VAL B 609 -28.38 5.69 23.76
C VAL B 609 -28.58 6.86 24.71
N GLU B 610 -28.32 6.65 26.00
CA GLU B 610 -28.41 7.74 26.96
C GLU B 610 -27.46 8.88 26.60
N ALA B 611 -26.43 8.59 25.82
CA ALA B 611 -25.46 9.60 25.39
C ALA B 611 -25.62 9.97 23.93
N ALA B 612 -26.56 9.36 23.22
CA ALA B 612 -26.87 9.75 21.85
C ALA B 612 -28.14 10.59 21.76
N GLN B 613 -28.83 10.78 22.88
CA GLN B 613 -29.95 11.72 22.94
C GLN B 613 -29.50 13.12 23.35
N LYS B 614 -28.46 13.22 24.20
CA LYS B 614 -27.87 14.51 24.50
C LYS B 614 -27.44 15.21 23.22
N ALA B 615 -26.60 14.56 22.43
CA ALA B 615 -26.13 15.12 21.16
C ALA B 615 -27.22 15.15 20.10
N ASN B 616 -28.42 14.70 20.43
CA ASN B 616 -29.56 14.76 19.52
C ASN B 616 -29.33 13.94 18.26
N ALA B 617 -28.74 12.76 18.44
CA ALA B 617 -28.55 11.84 17.31
C ALA B 617 -29.62 10.77 17.23
N HIS B 618 -30.16 10.34 18.38
CA HIS B 618 -31.15 9.26 18.38
C HIS B 618 -32.33 9.56 17.49
N GLY B 619 -32.53 10.82 17.11
CA GLY B 619 -33.65 11.14 16.24
C GLY B 619 -33.48 10.58 14.85
N PHE B 620 -32.31 10.78 14.25
CA PHE B 620 -32.05 10.34 12.89
C PHE B 620 -31.40 8.97 12.81
N ILE B 621 -30.88 8.44 13.91
CA ILE B 621 -30.27 7.13 13.87
C ILE B 621 -31.33 6.04 13.76
N MET B 622 -32.45 6.21 14.46
CA MET B 622 -33.51 5.21 14.45
C MET B 622 -34.36 5.25 13.18
N GLU B 623 -33.92 5.98 12.15
CA GLU B 623 -34.58 5.95 10.86
C GLU B 623 -33.70 5.39 9.76
N LEU B 624 -32.40 5.26 9.98
CA LEU B 624 -31.54 4.62 9.01
C LEU B 624 -32.02 3.20 8.73
N GLN B 625 -31.56 2.64 7.61
CA GLN B 625 -32.03 1.33 7.18
C GLN B 625 -31.83 0.28 8.27
N ASP B 626 -30.81 0.45 9.11
CA ASP B 626 -30.46 -0.56 10.10
C ASP B 626 -30.33 0.00 11.51
N GLY B 627 -30.64 1.27 11.72
CA GLY B 627 -30.56 1.80 13.07
C GLY B 627 -29.12 1.91 13.53
N TYR B 628 -28.91 1.61 14.81
CA TYR B 628 -27.59 1.78 15.43
C TYR B 628 -26.54 0.85 14.87
N SER B 629 -26.87 0.03 13.87
CA SER B 629 -25.92 -0.92 13.31
C SER B 629 -25.57 -0.61 11.85
N THR B 630 -26.02 0.53 11.34
CA THR B 630 -25.66 0.92 9.99
C THR B 630 -24.17 1.22 9.91
N GLU B 631 -23.71 1.57 8.71
CA GLU B 631 -22.30 1.82 8.48
C GLU B 631 -22.10 3.21 7.90
N THR B 632 -20.99 3.84 8.29
CA THR B 632 -20.58 5.16 7.79
C THR B 632 -19.12 5.02 7.37
N GLY B 633 -18.90 4.59 6.14
CA GLY B 633 -17.57 4.15 5.74
C GLY B 633 -16.65 5.29 5.34
N GLU B 634 -15.35 5.06 5.54
CA GLU B 634 -14.29 5.88 4.96
C GLU B 634 -14.47 7.35 5.32
N LYS B 635 -14.33 7.63 6.62
CA LYS B 635 -14.42 8.98 7.16
C LYS B 635 -15.85 9.49 7.22
N GLY B 636 -16.79 8.60 7.52
CA GLY B 636 -18.18 9.01 7.61
C GLY B 636 -18.69 9.71 6.38
N ALA B 637 -18.14 9.39 5.21
CA ALA B 637 -18.58 10.00 3.97
C ALA B 637 -19.94 9.49 3.52
N GLN B 638 -20.51 8.51 4.21
CA GLN B 638 -21.86 8.03 3.93
C GLN B 638 -22.87 8.57 4.92
N LEU B 639 -22.57 9.70 5.55
CA LEU B 639 -23.52 10.43 6.37
C LEU B 639 -23.47 11.90 5.96
N SER B 640 -24.57 12.59 6.16
CA SER B 640 -24.62 14.00 5.81
C SER B 640 -23.56 14.77 6.59
N GLY B 641 -23.33 16.01 6.19
CA GLY B 641 -22.40 16.84 6.92
C GLY B 641 -22.90 17.23 8.29
N GLY B 642 -24.23 17.21 8.49
CA GLY B 642 -24.79 17.54 9.78
C GLY B 642 -24.98 16.33 10.68
N GLN B 643 -25.14 15.15 10.08
CA GLN B 643 -25.22 13.94 10.90
C GLN B 643 -23.85 13.47 11.36
N LYS B 644 -22.80 13.84 10.64
CA LYS B 644 -21.46 13.40 11.01
C LYS B 644 -20.93 14.14 12.22
N GLN B 645 -21.55 15.26 12.60
CA GLN B 645 -21.15 15.96 13.81
C GLN B 645 -21.87 15.42 15.03
N ARG B 646 -23.20 15.35 14.97
CA ARG B 646 -23.98 14.80 16.07
C ARG B 646 -23.62 13.37 16.40
N VAL B 647 -22.80 12.71 15.58
CA VAL B 647 -22.26 11.40 15.91
C VAL B 647 -20.83 11.57 16.40
N ALA B 648 -20.26 12.74 16.11
CA ALA B 648 -18.97 13.07 16.72
C ALA B 648 -19.15 13.74 18.07
N MET B 649 -20.28 14.42 18.27
CA MET B 649 -20.62 14.92 19.60
C MET B 649 -20.85 13.78 20.56
N ALA B 650 -21.75 12.85 20.22
CA ALA B 650 -22.02 11.72 21.08
C ALA B 650 -20.77 10.90 21.40
N ARG B 651 -19.78 10.90 20.51
CA ARG B 651 -18.56 10.14 20.77
C ARG B 651 -17.73 10.76 21.88
N ALA B 652 -17.91 12.05 22.17
CA ALA B 652 -17.18 12.71 23.23
C ALA B 652 -17.97 12.83 24.52
N LEU B 653 -19.26 12.50 24.51
CA LEU B 653 -20.10 12.58 25.69
C LEU B 653 -20.29 11.25 26.39
N VAL B 654 -20.14 10.13 25.67
CA VAL B 654 -20.34 8.82 26.29
C VAL B 654 -19.29 8.55 27.35
N ARG B 655 -18.18 9.29 27.35
CA ARG B 655 -17.17 9.15 28.39
C ARG B 655 -17.50 9.92 29.65
N ASN B 656 -18.44 10.86 29.58
CA ASN B 656 -18.77 11.72 30.70
C ASN B 656 -17.52 12.45 31.20
N PRO B 657 -16.90 13.27 30.36
CA PRO B 657 -15.61 13.86 30.71
C PRO B 657 -15.79 15.14 31.51
N PRO B 658 -14.96 15.36 32.53
CA PRO B 658 -14.99 16.65 33.22
C PRO B 658 -14.74 17.83 32.31
N VAL B 659 -13.62 17.85 31.60
CA VAL B 659 -13.28 18.92 30.68
C VAL B 659 -13.74 18.51 29.29
N LEU B 660 -14.52 19.37 28.64
CA LEU B 660 -15.06 19.11 27.31
C LEU B 660 -14.62 20.23 26.38
N ILE B 661 -14.18 19.88 25.18
CA ILE B 661 -13.64 20.84 24.22
C ILE B 661 -14.44 20.71 22.94
N LEU B 662 -15.27 21.71 22.64
CA LEU B 662 -16.07 21.73 21.43
C LEU B 662 -15.42 22.70 20.44
N ASP B 663 -14.61 22.16 19.53
CA ASP B 663 -13.99 22.99 18.51
C ASP B 663 -15.08 23.52 17.59
N GLU B 664 -14.67 24.30 16.57
CA GLU B 664 -15.64 24.99 15.73
C GLU B 664 -16.69 24.07 15.14
N ALA B 665 -16.49 22.76 15.21
CA ALA B 665 -17.49 21.80 14.77
C ALA B 665 -18.63 21.63 15.76
N THR B 666 -18.72 22.51 16.76
CA THR B 666 -19.84 22.46 17.69
C THR B 666 -21.16 22.46 16.95
N SER B 667 -21.44 23.52 16.21
CA SER B 667 -22.67 23.65 15.44
C SER B 667 -22.38 24.26 14.08
N ALA B 668 -21.20 23.99 13.54
CA ALA B 668 -20.80 24.62 12.29
C ALA B 668 -21.77 24.28 11.16
N LEU B 669 -22.32 23.07 11.17
CA LEU B 669 -23.17 22.61 10.08
C LEU B 669 -24.51 22.06 10.56
N ASP B 670 -25.15 22.72 11.52
CA ASP B 670 -26.44 22.30 12.02
C ASP B 670 -27.57 23.16 11.44
N ALA B 671 -28.81 22.81 11.78
CA ALA B 671 -29.99 23.40 11.17
C ALA B 671 -30.45 24.70 11.81
N GLU B 672 -29.66 25.27 12.71
CA GLU B 672 -30.01 26.55 13.35
C GLU B 672 -31.15 26.37 14.34
N SER B 673 -31.71 25.17 14.42
CA SER B 673 -32.62 24.80 15.48
C SER B 673 -32.13 23.62 16.29
N GLU B 674 -31.17 22.86 15.76
CA GLU B 674 -30.60 21.73 16.47
C GLU B 674 -29.51 22.15 17.44
N TYR B 675 -28.72 23.17 17.10
CA TYR B 675 -27.63 23.56 17.97
C TYR B 675 -28.16 24.05 19.31
N LEU B 676 -29.42 24.47 19.38
CA LEU B 676 -29.98 24.91 20.65
C LEU B 676 -30.40 23.73 21.51
N ILE B 677 -31.01 22.70 20.90
CA ILE B 677 -31.43 21.53 21.67
C ILE B 677 -30.23 20.77 22.22
N GLN B 678 -29.02 21.12 21.79
CA GLN B 678 -27.83 20.55 22.41
C GLN B 678 -27.35 21.38 23.59
N GLN B 679 -27.18 22.70 23.37
CA GLN B 679 -26.73 23.58 24.44
C GLN B 679 -27.53 23.36 25.71
N ALA B 680 -28.83 23.14 25.59
CA ALA B 680 -29.67 22.98 26.78
C ALA B 680 -29.22 21.81 27.63
N ILE B 681 -28.47 20.86 27.07
CA ILE B 681 -28.17 19.62 27.77
C ILE B 681 -26.67 19.34 27.89
N HIS B 682 -25.82 20.02 27.13
CA HIS B 682 -24.41 19.63 27.08
C HIS B 682 -23.73 19.83 28.43
N GLY B 683 -23.82 21.04 28.99
CA GLY B 683 -23.12 21.34 30.21
C GLY B 683 -23.97 22.03 31.26
N ASN B 684 -25.20 22.40 30.88
CA ASN B 684 -26.10 23.06 31.82
C ASN B 684 -26.66 22.08 32.84
N LEU B 685 -26.85 20.82 32.45
CA LEU B 685 -27.44 19.84 33.36
C LEU B 685 -26.40 19.27 34.31
N GLN B 686 -25.31 18.71 33.78
CA GLN B 686 -24.25 18.15 34.58
C GLN B 686 -23.18 19.21 34.84
N ARG B 687 -22.04 18.78 35.38
CA ARG B 687 -20.94 19.68 35.72
C ARG B 687 -19.76 19.36 34.81
N HIS B 688 -19.59 20.16 33.76
CA HIS B 688 -18.46 20.07 32.86
C HIS B 688 -17.65 21.35 32.96
N THR B 689 -16.60 21.43 32.15
CA THR B 689 -15.87 22.68 31.91
C THR B 689 -15.76 22.83 30.40
N VAL B 690 -16.81 23.36 29.78
CA VAL B 690 -16.86 23.43 28.33
C VAL B 690 -15.88 24.48 27.83
N LEU B 691 -15.57 24.41 26.54
CA LEU B 691 -14.74 25.41 25.87
C LEU B 691 -15.23 25.49 24.42
N ILE B 692 -16.13 26.44 24.16
CA ILE B 692 -16.79 26.55 22.86
C ILE B 692 -15.98 27.48 21.98
N ILE B 693 -15.41 26.94 20.90
CA ILE B 693 -14.83 27.72 19.83
C ILE B 693 -15.85 27.81 18.72
N ALA B 694 -16.09 29.01 18.20
CA ALA B 694 -17.12 29.17 17.19
C ALA B 694 -17.04 30.57 16.58
N HIS B 695 -17.83 30.76 15.53
CA HIS B 695 -17.95 32.04 14.85
C HIS B 695 -19.34 32.64 14.93
N ARG B 696 -20.38 31.84 15.13
CA ARG B 696 -21.72 32.37 15.30
C ARG B 696 -21.83 33.19 16.58
N LEU B 697 -22.71 34.19 16.56
CA LEU B 697 -22.99 34.96 17.75
C LEU B 697 -23.97 34.24 18.67
N SER B 698 -24.75 33.30 18.14
CA SER B 698 -25.71 32.58 18.95
C SER B 698 -25.03 31.74 20.03
N THR B 699 -24.14 30.85 19.61
CA THR B 699 -23.54 29.90 20.55
C THR B 699 -22.79 30.61 21.67
N VAL B 700 -21.98 31.61 21.32
CA VAL B 700 -21.12 32.28 22.29
C VAL B 700 -21.87 33.39 23.00
N GLU B 701 -23.18 33.47 22.78
CA GLU B 701 -23.96 34.55 23.39
C GLU B 701 -24.02 34.40 24.89
N ARG B 702 -24.50 33.25 25.39
CA ARG B 702 -24.72 33.04 26.80
C ARG B 702 -23.49 32.48 27.52
N ALA B 703 -22.33 32.49 26.88
CA ALA B 703 -21.13 31.96 27.52
C ALA B 703 -20.80 32.75 28.78
N HIS B 704 -20.37 32.04 29.82
CA HIS B 704 -20.00 32.69 31.06
C HIS B 704 -18.79 33.60 30.90
N LEU B 705 -18.03 33.43 29.81
CA LEU B 705 -16.85 34.25 29.58
C LEU B 705 -16.54 34.22 28.10
N ILE B 706 -15.63 35.09 27.68
CA ILE B 706 -15.18 35.15 26.29
C ILE B 706 -13.74 35.62 26.28
N VAL B 707 -12.95 35.07 25.37
CA VAL B 707 -11.53 35.41 25.24
C VAL B 707 -11.28 35.68 23.76
N VAL B 708 -11.34 36.95 23.36
CA VAL B 708 -11.07 37.31 21.97
C VAL B 708 -9.56 37.42 21.79
N LEU B 709 -9.03 36.67 20.83
CA LEU B 709 -7.60 36.71 20.53
C LEU B 709 -7.41 36.93 19.04
N ASP B 710 -6.41 37.75 18.70
CA ASP B 710 -6.13 38.11 17.33
C ASP B 710 -4.64 37.96 17.06
N LYS B 711 -4.31 37.30 15.95
CA LYS B 711 -2.91 37.12 15.53
C LYS B 711 -2.06 36.49 16.64
N GLY B 712 -2.71 35.74 17.53
CA GLY B 712 -1.98 35.08 18.59
C GLY B 712 -1.69 35.92 19.81
N ARG B 713 -2.63 36.78 20.20
CA ARG B 713 -2.48 37.61 21.39
C ARG B 713 -3.85 37.86 21.99
N VAL B 714 -4.08 37.35 23.20
CA VAL B 714 -5.37 37.57 23.85
C VAL B 714 -5.60 39.07 24.00
N VAL B 715 -6.81 39.51 23.65
CA VAL B 715 -7.11 40.93 23.61
C VAL B 715 -8.13 41.29 24.69
N GLN B 716 -9.30 40.67 24.65
CA GLN B 716 -10.39 41.00 25.55
C GLN B 716 -10.88 39.77 26.27
N GLN B 717 -11.25 39.94 27.54
CA GLN B 717 -11.80 38.84 28.35
C GLN B 717 -13.02 39.40 29.08
N GLY B 718 -14.19 39.29 28.45
CA GLY B 718 -15.40 39.81 29.06
C GLY B 718 -16.63 39.13 28.49
N THR B 719 -17.71 39.18 29.27
CA THR B 719 -18.96 38.55 28.88
C THR B 719 -19.52 39.26 27.66
N HIS B 720 -20.64 38.77 27.12
CA HIS B 720 -21.16 39.32 25.87
C HIS B 720 -21.47 40.80 26.00
N GLN B 721 -22.44 41.15 26.86
CA GLN B 721 -22.79 42.55 27.02
C GLN B 721 -21.65 43.36 27.64
N GLN B 722 -21.00 42.83 28.67
CA GLN B 722 -19.86 43.50 29.26
C GLN B 722 -18.75 43.75 28.26
N LEU B 723 -18.78 43.06 27.12
CA LEU B 723 -17.80 43.25 26.06
C LEU B 723 -18.37 43.93 24.83
N LEU B 724 -19.68 43.86 24.61
CA LEU B 724 -20.29 44.57 23.50
C LEU B 724 -20.41 46.06 23.77
N ALA B 725 -20.28 46.47 25.04
CA ALA B 725 -20.30 47.90 25.36
C ALA B 725 -19.09 48.60 24.76
N GLN B 726 -17.89 48.16 25.13
CA GLN B 726 -16.66 48.74 24.62
C GLN B 726 -16.27 48.10 23.29
N GLY B 727 -15.73 48.90 22.39
CA GLY B 727 -15.31 48.40 21.10
C GLY B 727 -13.90 47.85 21.13
N GLY B 728 -13.78 46.53 21.16
CA GLY B 728 -12.49 45.88 21.27
C GLY B 728 -12.26 44.80 20.24
N LEU B 729 -12.74 45.03 19.02
CA LEU B 729 -12.71 44.11 17.90
C LEU B 729 -13.77 43.01 18.04
N TYR B 730 -14.48 42.95 19.17
CA TYR B 730 -15.59 42.00 19.29
C TYR B 730 -16.86 42.59 18.70
N ALA B 731 -17.27 43.76 19.19
CA ALA B 731 -18.48 44.41 18.67
C ALA B 731 -18.42 44.60 17.16
N LYS B 732 -17.23 44.59 16.57
CA LYS B 732 -17.13 44.73 15.12
C LYS B 732 -17.35 43.41 14.40
N LEU B 733 -17.03 42.28 15.04
CA LEU B 733 -17.25 40.99 14.41
C LEU B 733 -18.72 40.66 14.30
N VAL B 734 -19.44 40.68 15.43
CA VAL B 734 -20.86 40.32 15.44
C VAL B 734 -21.73 41.35 14.77
N GLN B 735 -21.18 42.48 14.31
CA GLN B 735 -21.99 43.53 13.72
C GLN B 735 -22.86 42.99 12.59
N ARG B 736 -22.23 42.45 11.55
CA ARG B 736 -22.97 41.99 10.37
C ARG B 736 -23.94 40.86 10.69
N GLN B 737 -23.83 40.23 11.85
CA GLN B 737 -24.70 39.12 12.21
C GLN B 737 -25.93 39.55 12.99
N MET B 738 -25.88 40.69 13.68
CA MET B 738 -27.02 41.19 14.44
C MET B 738 -27.93 41.95 13.48
N LEU B 739 -28.99 41.29 13.02
CA LEU B 739 -29.92 41.89 12.08
C LEU B 739 -31.36 41.62 12.50
PB ADP C . -27.51 17.08 3.59
O1B ADP C . -26.12 16.84 4.02
O2B ADP C . -27.61 17.54 2.19
O3B ADP C . -28.42 17.83 4.49
PA ADP C . -27.66 14.65 2.34
O1A ADP C . -26.19 14.69 2.15
O2A ADP C . -28.56 14.95 1.19
O3A ADP C . -28.06 15.60 3.54
O5' ADP C . -28.09 13.22 2.86
C5' ADP C . -29.46 12.91 3.03
C4' ADP C . -29.48 11.49 3.49
O4' ADP C . -28.69 10.77 2.58
C3' ADP C . -28.84 11.35 4.84
O3' ADP C . -29.77 10.72 5.71
C2' ADP C . -27.65 10.47 4.63
O2' ADP C . -27.72 9.41 5.57
C1' ADP C . -27.77 9.91 3.24
N9 ADP C . -26.51 9.90 2.49
C8 ADP C . -25.69 10.93 2.20
N7 ADP C . -24.64 10.52 1.47
C5 ADP C . -24.76 9.22 1.27
C6 ADP C . -24.00 8.16 0.58
N6 ADP C . -22.85 8.45 -0.06
N1 ADP C . -24.49 6.92 0.61
C2 ADP C . -25.62 6.63 1.23
N3 ADP C . -26.36 7.54 1.88
C4 ADP C . -25.99 8.82 1.93
H5'1 ADP C . -30.01 12.99 2.08
H5'2 ADP C . -29.93 13.57 3.76
H4' ADP C . -30.51 11.12 3.52
H3' ADP C . -28.53 12.33 5.25
HO3' ADP C . -29.77 9.77 5.56
H2' ADP C . -26.73 11.04 4.77
HO2' ADP C . -27.40 9.72 6.43
H1' ADP C . -28.19 8.91 3.31
H8 ADP C . -25.86 11.94 2.53
HN61 ADP C . -22.50 9.40 -0.07
HN62 ADP C . -22.34 7.72 -0.52
H2 ADP C . -25.98 5.60 1.23
BE BEF D . -26.27 19.30 5.36
F1 BEF D . -27.11 20.83 5.52
F2 BEF D . -26.74 17.94 6.37
F3 BEF D . -24.95 19.14 4.19
MG MG E . -24.29 18.93 2.53
PB ADP F . -7.42 28.73 13.44
O1B ADP F . -7.77 27.64 12.51
O2B ADP F . -7.37 28.29 14.85
O3B ADP F . -8.06 30.05 13.29
PA ADP F . -4.80 27.90 13.50
O1A ADP F . -5.26 26.53 13.15
O2A ADP F . -4.36 28.20 14.89
O3A ADP F . -5.90 28.95 13.06
O5' ADP F . -3.58 28.29 12.56
C5' ADP F . -2.94 29.53 12.75
C4' ADP F . -1.81 29.50 11.77
O4' ADP F . -1.15 28.26 11.96
C3' ADP F . -2.31 29.49 10.36
O3' ADP F . -1.68 30.56 9.69
C2' ADP F . -1.87 28.19 9.76
O2' ADP F . -1.19 28.45 8.55
C1' ADP F . -0.89 27.60 10.75
N9 ADP F . -1.04 26.14 10.95
C8 ADP F . -2.11 25.47 11.38
N7 ADP F . -1.86 24.16 11.45
C5 ADP F . -0.60 23.96 11.08
C6 ADP F . 0.31 22.82 10.94
N6 ADP F . -0.10 21.57 11.22
N1 ADP F . 1.56 23.06 10.52
C2 ADP F . 1.98 24.30 10.24
N3 ADP F . 1.21 25.37 10.35
C4 ADP F . -0.07 25.27 10.76
H5'1 ADP F . -2.54 29.63 13.76
H5'2 ADP F . -3.61 30.37 12.55
H4' ADP F . -1.13 30.35 11.93
H3' ADP F . -3.41 29.58 10.32
HO3' ADP F . -1.74 30.43 8.74
H2' ADP F . -2.73 27.52 9.61
HO2' ADP F . -1.73 28.12 7.82
H1' ADP F . 0.13 27.84 10.40
H8 ADP F . -3.07 25.93 11.62
HN61 ADP F . 0.53 20.80 11.11
HN62 ADP F . -1.05 21.41 11.53
H2 ADP F . 3.00 24.44 9.91
BE BEF G . -10.35 28.68 12.55
F1 BEF G . -11.54 29.72 13.36
F2 BEF G . -9.39 29.37 11.24
F3 BEF G . -10.19 27.00 13.03
MG MG H . -10.03 25.60 14.12
#